data_1G9P
#
_entry.id   1G9P
#
_cell.length_a   1
_cell.length_b   1
_cell.length_c   1
_cell.angle_alpha   90
_cell.angle_beta   90
_cell.angle_gamma   90
#
_symmetry.space_group_name_H-M   'P 1'
#
_entity_poly.entity_id   1
_entity_poly.type   'polypeptide(L)'
_entity_poly.pdbx_seq_one_letter_code
;LLACLFGNGRCSSNRDCCELTPVCKRGSCVSSGPGLVGGILGGIL
;
_entity_poly.pdbx_strand_id   A
#
# COMPACT_ATOMS: atom_id res chain seq x y z
N LEU A 1 15.25 -8.27 -7.92
CA LEU A 1 13.99 -7.68 -7.42
C LEU A 1 14.30 -6.46 -6.54
N LEU A 2 13.52 -5.42 -6.68
CA LEU A 2 13.78 -4.19 -5.86
C LEU A 2 12.49 -3.37 -5.77
N ALA A 3 11.66 -3.66 -4.80
CA ALA A 3 10.38 -2.89 -4.64
C ALA A 3 10.01 -2.84 -3.16
N CYS A 4 10.89 -2.31 -2.34
CA CYS A 4 10.60 -2.21 -0.88
C CYS A 4 11.78 -1.50 -0.20
N LEU A 5 11.66 -0.21 0.01
CA LEU A 5 12.76 0.56 0.66
C LEU A 5 12.82 0.23 2.15
N PHE A 6 11.69 -0.10 2.73
CA PHE A 6 11.66 -0.43 4.19
C PHE A 6 10.77 -1.64 4.44
N GLY A 7 9.47 -1.44 4.46
CA GLY A 7 8.54 -2.57 4.72
C GLY A 7 8.45 -2.85 6.22
N ASN A 8 8.68 -1.85 7.04
CA ASN A 8 8.61 -2.06 8.52
C ASN A 8 7.19 -1.78 9.03
N GLY A 9 6.23 -1.60 8.14
CA GLY A 9 4.84 -1.34 8.59
C GLY A 9 4.64 0.14 8.95
N ARG A 10 5.69 0.93 8.94
CA ARG A 10 5.53 2.38 9.29
C ARG A 10 6.10 3.24 8.16
N CYS A 11 5.44 4.32 7.85
CA CYS A 11 5.93 5.20 6.75
C CYS A 11 5.53 6.65 7.00
N SER A 12 6.14 7.55 6.28
CA SER A 12 5.80 9.01 6.42
C SER A 12 5.00 9.44 5.18
N SER A 13 5.20 8.76 4.08
CA SER A 13 4.47 9.09 2.84
C SER A 13 4.24 7.79 2.05
N ASN A 14 3.64 7.87 0.89
CA ASN A 14 3.40 6.63 0.09
C ASN A 14 4.74 6.05 -0.38
N ARG A 15 5.68 6.89 -0.72
CA ARG A 15 7.00 6.40 -1.20
C ARG A 15 7.77 5.70 -0.07
N ASP A 16 7.31 5.81 1.16
CA ASP A 16 8.03 5.15 2.28
C ASP A 16 7.50 3.72 2.48
N CYS A 17 6.78 3.17 1.53
CA CYS A 17 6.25 1.78 1.68
C CYS A 17 6.87 0.87 0.62
N CYS A 18 6.38 -0.35 0.50
CA CYS A 18 6.95 -1.29 -0.50
C CYS A 18 5.89 -1.63 -1.55
N GLU A 19 6.22 -2.51 -2.47
CA GLU A 19 5.24 -2.89 -3.54
C GLU A 19 4.00 -3.51 -2.92
N LEU A 20 4.17 -4.47 -2.04
CA LEU A 20 3.00 -5.14 -1.39
C LEU A 20 2.09 -4.08 -0.73
N THR A 21 2.63 -2.95 -0.39
CA THR A 21 1.81 -1.88 0.25
C THR A 21 2.09 -0.54 -0.44
N PRO A 22 1.37 -0.27 -1.51
CA PRO A 22 1.54 0.99 -2.30
C PRO A 22 0.85 2.18 -1.62
N VAL A 23 0.33 2.03 -0.41
CA VAL A 23 -0.34 3.19 0.25
C VAL A 23 0.27 3.44 1.64
N CYS A 24 0.29 4.69 2.06
CA CYS A 24 0.85 5.03 3.40
C CYS A 24 -0.23 5.80 4.18
N LYS A 25 -0.95 5.11 5.02
CA LYS A 25 -2.04 5.77 5.80
C LYS A 25 -1.83 5.53 7.29
N ARG A 26 -2.14 6.50 8.11
CA ARG A 26 -1.98 6.34 9.59
C ARG A 26 -0.52 6.05 9.93
N GLY A 27 0.40 6.64 9.21
CA GLY A 27 1.85 6.41 9.48
C GLY A 27 2.17 4.92 9.34
N SER A 28 1.44 4.21 8.51
CA SER A 28 1.69 2.76 8.32
C SER A 28 1.52 2.42 6.84
N CYS A 29 1.97 1.26 6.43
CA CYS A 29 1.83 0.86 5.00
C CYS A 29 0.78 -0.22 4.84
N VAL A 30 -0.04 -0.14 3.83
CA VAL A 30 -1.08 -1.18 3.60
C VAL A 30 -1.37 -1.28 2.10
N SER A 31 -2.37 -2.05 1.75
CA SER A 31 -2.73 -2.22 0.32
C SER A 31 -3.62 -1.06 -0.13
N SER A 32 -3.19 -0.32 -1.11
CA SER A 32 -4.01 0.83 -1.61
C SER A 32 -5.35 0.32 -2.13
N GLY A 33 -5.33 -0.57 -3.08
CA GLY A 33 -6.60 -1.11 -3.64
C GLY A 33 -7.24 -0.06 -4.57
N PRO A 34 -8.56 -0.07 -4.66
CA PRO A 34 -9.33 0.88 -5.52
C PRO A 34 -9.61 2.18 -4.76
N GLY A 35 -10.28 3.11 -5.38
CA GLY A 35 -10.58 4.41 -4.71
C GLY A 35 -11.49 4.15 -3.50
N LEU A 36 -12.78 4.27 -3.68
CA LEU A 36 -13.73 4.04 -2.55
C LEU A 36 -14.94 3.27 -3.05
N VAL A 37 -15.66 2.62 -2.16
CA VAL A 37 -16.87 1.85 -2.58
C VAL A 37 -17.90 2.81 -3.17
N GLY A 38 -18.98 2.27 -3.70
CA GLY A 38 -20.04 3.14 -4.29
C GLY A 38 -19.53 3.75 -5.59
N GLY A 39 -18.69 4.76 -5.50
CA GLY A 39 -18.16 5.41 -6.74
C GLY A 39 -18.74 6.81 -6.88
N ILE A 40 -17.90 7.78 -7.16
CA ILE A 40 -18.40 9.19 -7.31
C ILE A 40 -19.13 9.34 -8.65
N LEU A 41 -18.82 8.51 -9.61
CA LEU A 41 -19.49 8.59 -10.93
C LEU A 41 -20.22 7.28 -11.22
N GLY A 42 -21.50 7.24 -10.96
CA GLY A 42 -22.29 6.00 -11.21
C GLY A 42 -22.02 4.98 -10.09
N GLY A 43 -22.96 4.79 -9.21
CA GLY A 43 -22.77 3.83 -8.09
C GLY A 43 -23.45 2.50 -8.43
N ILE A 44 -23.52 2.18 -9.70
CA ILE A 44 -24.17 0.89 -10.11
C ILE A 44 -23.26 0.15 -11.08
N LEU A 45 -23.24 -1.16 -11.01
CA LEU A 45 -22.38 -1.97 -11.92
C LEU A 45 -20.91 -1.57 -11.72
N LEU A 1 13.82 -6.04 -11.14
CA LEU A 1 14.14 -5.04 -10.09
C LEU A 1 13.38 -5.37 -8.81
N LEU A 2 13.36 -4.46 -7.86
CA LEU A 2 12.64 -4.70 -6.59
C LEU A 2 11.75 -3.51 -6.28
N ALA A 3 11.19 -3.47 -5.10
CA ALA A 3 10.30 -2.33 -4.72
C ALA A 3 9.97 -2.40 -3.23
N CYS A 4 10.85 -1.90 -2.40
CA CYS A 4 10.59 -1.95 -0.93
C CYS A 4 11.74 -1.24 -0.20
N LEU A 5 11.55 0.01 0.12
CA LEU A 5 12.62 0.78 0.82
C LEU A 5 12.71 0.31 2.27
N PHE A 6 11.61 -0.11 2.83
CA PHE A 6 11.61 -0.58 4.25
C PHE A 6 10.60 -1.72 4.43
N GLY A 7 9.34 -1.41 4.52
CA GLY A 7 8.31 -2.47 4.70
C GLY A 7 8.20 -2.85 6.18
N ASN A 8 8.49 -1.92 7.06
CA ASN A 8 8.40 -2.22 8.52
C ASN A 8 6.99 -1.89 9.04
N GLY A 9 6.04 -1.63 8.17
CA GLY A 9 4.67 -1.31 8.62
C GLY A 9 4.54 0.16 9.02
N ARG A 10 5.63 0.91 9.02
CA ARG A 10 5.55 2.36 9.39
C ARG A 10 6.15 3.20 8.26
N CYS A 11 5.50 4.28 7.94
CA CYS A 11 6.02 5.16 6.84
C CYS A 11 5.62 6.62 7.07
N SER A 12 6.16 7.50 6.28
CA SER A 12 5.83 8.95 6.39
C SER A 12 5.16 9.43 5.08
N SER A 13 5.12 8.58 4.08
CA SER A 13 4.49 8.95 2.78
C SER A 13 4.30 7.67 1.96
N ASN A 14 3.63 7.75 0.84
CA ASN A 14 3.42 6.54 0.00
C ASN A 14 4.77 5.97 -0.46
N ARG A 15 5.71 6.83 -0.78
CA ARG A 15 7.04 6.34 -1.25
C ARG A 15 7.81 5.66 -0.11
N ASP A 16 7.34 5.78 1.10
CA ASP A 16 8.05 5.12 2.25
C ASP A 16 7.52 3.69 2.46
N CYS A 17 6.82 3.15 1.49
CA CYS A 17 6.28 1.75 1.67
C CYS A 17 6.89 0.83 0.60
N CYS A 18 6.40 -0.38 0.49
CA CYS A 18 6.95 -1.33 -0.52
C CYS A 18 5.89 -1.67 -1.57
N GLU A 19 6.22 -2.54 -2.49
CA GLU A 19 5.23 -2.92 -3.55
C GLU A 19 4.00 -3.57 -2.92
N LEU A 20 4.19 -4.52 -2.04
CA LEU A 20 3.04 -5.20 -1.38
C LEU A 20 2.12 -4.15 -0.72
N THR A 21 2.67 -3.02 -0.36
CA THR A 21 1.85 -1.96 0.29
C THR A 21 2.14 -0.62 -0.42
N PRO A 22 1.42 -0.35 -1.49
CA PRO A 22 1.59 0.91 -2.28
C PRO A 22 0.91 2.11 -1.61
N VAL A 23 0.39 1.96 -0.41
CA VAL A 23 -0.26 3.14 0.26
C VAL A 23 0.36 3.39 1.64
N CYS A 24 0.43 4.63 2.03
CA CYS A 24 0.99 4.99 3.36
C CYS A 24 -0.06 5.81 4.12
N LYS A 25 -0.83 5.17 4.95
CA LYS A 25 -1.89 5.89 5.72
C LYS A 25 -1.73 5.62 7.22
N ARG A 26 -2.09 6.57 8.04
CA ARG A 26 -1.99 6.39 9.52
C ARG A 26 -0.52 6.10 9.90
N GLY A 27 0.41 6.68 9.19
CA GLY A 27 1.85 6.46 9.50
C GLY A 27 2.19 4.97 9.37
N SER A 28 1.50 4.28 8.50
CA SER A 28 1.78 2.82 8.31
C SER A 28 1.60 2.46 6.84
N CYS A 29 2.02 1.28 6.45
CA CYS A 29 1.88 0.87 5.01
C CYS A 29 0.81 -0.22 4.89
N VAL A 30 0.00 -0.13 3.86
CA VAL A 30 -1.05 -1.17 3.67
C VAL A 30 -1.33 -1.29 2.16
N SER A 31 -2.32 -2.08 1.83
CA SER A 31 -2.67 -2.26 0.39
C SER A 31 -3.58 -1.13 -0.08
N SER A 32 -3.16 -0.40 -1.08
CA SER A 32 -3.98 0.72 -1.60
C SER A 32 -5.34 0.20 -2.07
N GLY A 33 -5.39 -1.03 -2.52
CA GLY A 33 -6.67 -1.61 -2.99
C GLY A 33 -6.98 -1.11 -4.41
N PRO A 34 -6.35 -1.70 -5.41
CA PRO A 34 -6.54 -1.33 -6.84
C PRO A 34 -7.73 -2.08 -7.44
N GLY A 35 -8.86 -2.04 -6.78
CA GLY A 35 -10.06 -2.75 -7.31
C GLY A 35 -10.75 -3.49 -6.16
N LEU A 36 -9.99 -3.96 -5.20
CA LEU A 36 -10.60 -4.70 -4.05
C LEU A 36 -10.53 -3.82 -2.80
N VAL A 37 -11.59 -3.78 -2.03
CA VAL A 37 -11.60 -2.94 -0.79
C VAL A 37 -11.40 -3.85 0.43
N GLY A 38 -11.50 -3.28 1.61
CA GLY A 38 -11.33 -4.09 2.85
C GLY A 38 -11.47 -3.19 4.07
N GLY A 39 -10.51 -2.34 4.32
CA GLY A 39 -10.58 -1.42 5.50
C GLY A 39 -9.34 -1.62 6.38
N ILE A 40 -9.51 -2.26 7.51
CA ILE A 40 -8.35 -2.48 8.41
C ILE A 40 -8.10 -3.99 8.56
N LEU A 41 -7.95 -4.67 7.45
CA LEU A 41 -7.71 -6.15 7.51
C LEU A 41 -6.39 -6.42 8.22
N GLY A 42 -6.20 -7.62 8.71
CA GLY A 42 -4.93 -7.96 9.41
C GLY A 42 -5.23 -8.32 10.87
N GLY A 43 -6.03 -9.32 11.08
CA GLY A 43 -6.37 -9.74 12.48
C GLY A 43 -7.68 -10.55 12.47
N ILE A 44 -8.68 -10.07 13.17
CA ILE A 44 -9.98 -10.80 13.21
C ILE A 44 -10.57 -10.86 11.79
N LEU A 45 -11.48 -11.77 11.56
CA LEU A 45 -12.11 -11.90 10.21
C LEU A 45 -11.03 -12.20 9.17
N LEU A 1 16.77 -8.43 -6.55
CA LEU A 1 15.35 -7.96 -6.47
C LEU A 1 15.33 -6.58 -5.79
N LEU A 2 14.40 -5.74 -6.18
CA LEU A 2 14.31 -4.38 -5.57
C LEU A 2 12.87 -3.86 -5.67
N ALA A 3 12.18 -3.80 -4.57
CA ALA A 3 10.77 -3.31 -4.59
C ALA A 3 10.28 -3.14 -3.15
N CYS A 4 11.09 -2.55 -2.30
CA CYS A 4 10.68 -2.35 -0.88
C CYS A 4 11.80 -1.59 -0.17
N LEU A 5 11.66 -0.29 -0.05
CA LEU A 5 12.70 0.53 0.63
C LEU A 5 12.73 0.19 2.11
N PHE A 6 11.59 -0.12 2.68
CA PHE A 6 11.54 -0.46 4.14
C PHE A 6 10.63 -1.67 4.36
N GLY A 7 9.35 -1.47 4.38
CA GLY A 7 8.40 -2.61 4.60
C GLY A 7 8.33 -2.94 6.09
N ASN A 8 8.54 -1.95 6.94
CA ASN A 8 8.47 -2.20 8.41
C ASN A 8 7.07 -1.89 8.94
N GLY A 9 6.11 -1.65 8.08
CA GLY A 9 4.74 -1.35 8.54
C GLY A 9 4.59 0.13 8.96
N ARG A 10 5.67 0.89 8.97
CA ARG A 10 5.57 2.32 9.36
C ARG A 10 6.14 3.19 8.24
N CYS A 11 5.48 4.28 7.94
CA CYS A 11 5.97 5.18 6.86
C CYS A 11 5.55 6.63 7.12
N SER A 12 6.03 7.53 6.30
CA SER A 12 5.66 8.97 6.44
C SER A 12 5.07 9.46 5.11
N SER A 13 4.90 8.59 4.14
CA SER A 13 4.32 9.00 2.82
C SER A 13 4.16 7.73 1.98
N ASN A 14 3.49 7.83 0.86
CA ASN A 14 3.29 6.62 0.00
C ASN A 14 4.64 6.08 -0.48
N ARG A 15 5.55 6.97 -0.80
CA ARG A 15 6.89 6.52 -1.28
C ARG A 15 7.69 5.85 -0.14
N ASP A 16 7.22 5.95 1.08
CA ASP A 16 7.95 5.31 2.21
C ASP A 16 7.45 3.88 2.42
N CYS A 17 6.75 3.31 1.46
CA CYS A 17 6.25 1.91 1.64
C CYS A 17 6.88 1.00 0.56
N CYS A 18 6.40 -0.22 0.46
CA CYS A 18 6.98 -1.16 -0.55
C CYS A 18 5.91 -1.51 -1.60
N GLU A 19 6.23 -2.39 -2.51
CA GLU A 19 5.25 -2.79 -3.57
C GLU A 19 4.03 -3.45 -2.92
N LEU A 20 4.25 -4.36 -2.01
CA LEU A 20 3.12 -5.06 -1.33
C LEU A 20 2.19 -4.04 -0.67
N THR A 21 2.69 -2.87 -0.37
CA THR A 21 1.86 -1.82 0.28
C THR A 21 2.10 -0.49 -0.43
N PRO A 22 1.36 -0.23 -1.48
CA PRO A 22 1.49 1.03 -2.29
C PRO A 22 0.80 2.22 -1.59
N VAL A 23 0.31 2.05 -0.38
CA VAL A 23 -0.36 3.21 0.30
C VAL A 23 0.27 3.45 1.68
N CYS A 24 0.33 4.69 2.09
CA CYS A 24 0.90 5.03 3.43
C CYS A 24 -0.15 5.83 4.21
N LYS A 25 -0.89 5.17 5.06
CA LYS A 25 -1.94 5.90 5.86
C LYS A 25 -1.74 5.61 7.34
N ARG A 26 -2.05 6.57 8.18
CA ARG A 26 -1.90 6.37 9.65
C ARG A 26 -0.44 6.07 9.99
N GLY A 27 0.48 6.66 9.25
CA GLY A 27 1.93 6.42 9.52
C GLY A 27 2.25 4.93 9.37
N SER A 28 1.52 4.25 8.53
CA SER A 28 1.77 2.79 8.32
C SER A 28 1.57 2.44 6.84
N CYS A 29 2.00 1.29 6.42
CA CYS A 29 1.84 0.90 4.99
C CYS A 29 0.78 -0.20 4.86
N VAL A 30 -0.04 -0.11 3.84
CA VAL A 30 -1.07 -1.16 3.63
C VAL A 30 -1.37 -1.28 2.14
N SER A 31 -2.35 -2.07 1.80
CA SER A 31 -2.70 -2.26 0.37
C SER A 31 -3.63 -1.13 -0.09
N SER A 32 -3.19 -0.36 -1.06
CA SER A 32 -4.04 0.76 -1.57
C SER A 32 -5.32 0.20 -2.19
N GLY A 33 -5.19 -0.78 -3.05
CA GLY A 33 -6.39 -1.39 -3.69
C GLY A 33 -6.88 -0.48 -4.83
N PRO A 34 -7.50 -1.07 -5.85
CA PRO A 34 -8.04 -0.31 -7.02
C PRO A 34 -9.43 0.22 -6.72
N GLY A 35 -9.52 1.31 -5.99
CA GLY A 35 -10.85 1.90 -5.66
C GLY A 35 -11.13 1.70 -4.17
N LEU A 36 -11.06 2.76 -3.40
CA LEU A 36 -11.33 2.63 -1.93
C LEU A 36 -12.83 2.74 -1.67
N VAL A 37 -13.46 1.65 -1.33
CA VAL A 37 -14.93 1.68 -1.07
C VAL A 37 -15.18 1.77 0.44
N GLY A 38 -14.39 1.08 1.22
CA GLY A 38 -14.57 1.12 2.70
C GLY A 38 -13.68 2.22 3.30
N GLY A 39 -12.44 1.91 3.57
CA GLY A 39 -11.52 2.93 4.15
C GLY A 39 -11.61 2.90 5.68
N ILE A 40 -10.99 3.84 6.35
CA ILE A 40 -11.03 3.87 7.84
C ILE A 40 -12.06 4.90 8.29
N LEU A 41 -13.13 5.05 7.55
CA LEU A 41 -14.18 6.04 7.94
C LEU A 41 -15.47 5.30 8.33
N GLY A 42 -15.56 4.88 9.57
CA GLY A 42 -16.78 4.15 10.02
C GLY A 42 -16.45 3.34 11.28
N GLY A 43 -16.27 2.06 11.13
CA GLY A 43 -15.95 1.20 12.30
C GLY A 43 -17.23 0.87 13.06
N ILE A 44 -18.34 0.81 12.37
CA ILE A 44 -19.64 0.49 13.04
C ILE A 44 -19.95 1.56 14.10
N LEU A 45 -21.19 1.65 14.51
CA LEU A 45 -21.56 2.66 15.54
C LEU A 45 -21.97 1.96 16.84
N LEU A 1 15.96 -6.63 -6.24
CA LEU A 1 14.94 -5.65 -6.73
C LEU A 1 14.96 -4.40 -5.84
N LEU A 2 14.13 -3.44 -6.15
CA LEU A 2 14.09 -2.19 -5.33
C LEU A 2 12.64 -1.77 -5.13
N ALA A 3 11.76 -2.72 -4.93
CA ALA A 3 10.32 -2.38 -4.73
C ALA A 3 9.99 -2.46 -3.23
N CYS A 4 10.88 -1.99 -2.40
CA CYS A 4 10.63 -2.02 -0.93
C CYS A 4 11.81 -1.36 -0.22
N LEU A 5 11.66 -0.11 0.13
CA LEU A 5 12.76 0.61 0.83
C LEU A 5 12.85 0.12 2.29
N PHE A 6 11.73 -0.27 2.85
CA PHE A 6 11.75 -0.74 4.27
C PHE A 6 10.71 -1.85 4.43
N GLY A 7 9.46 -1.49 4.53
CA GLY A 7 8.38 -2.53 4.71
C GLY A 7 8.24 -2.87 6.19
N ASN A 8 8.53 -1.94 7.06
CA ASN A 8 8.41 -2.21 8.52
C ASN A 8 7.01 -1.87 9.02
N GLY A 9 6.06 -1.65 8.12
CA GLY A 9 4.68 -1.32 8.56
C GLY A 9 4.56 0.16 8.94
N ARG A 10 5.64 0.91 8.90
CA ARG A 10 5.56 2.36 9.28
C ARG A 10 6.13 3.20 8.14
N CYS A 11 5.49 4.29 7.83
CA CYS A 11 5.99 5.18 6.73
C CYS A 11 5.61 6.63 6.97
N SER A 12 6.21 7.53 6.24
CA SER A 12 5.88 8.98 6.37
C SER A 12 5.06 9.42 5.15
N SER A 13 5.24 8.73 4.05
CA SER A 13 4.50 9.06 2.80
C SER A 13 4.27 7.77 2.02
N ASN A 14 3.63 7.85 0.88
CA ASN A 14 3.38 6.61 0.07
C ASN A 14 4.71 6.02 -0.41
N ARG A 15 5.64 6.86 -0.77
CA ARG A 15 6.97 6.36 -1.26
C ARG A 15 7.75 5.67 -0.14
N ASP A 16 7.31 5.79 1.09
CA ASP A 16 8.05 5.12 2.21
C ASP A 16 7.53 3.69 2.42
N CYS A 17 6.79 3.15 1.48
CA CYS A 17 6.27 1.75 1.65
C CYS A 17 6.89 0.84 0.59
N CYS A 18 6.42 -0.39 0.51
CA CYS A 18 6.98 -1.35 -0.49
C CYS A 18 5.90 -1.69 -1.54
N GLU A 19 6.22 -2.59 -2.44
CA GLU A 19 5.23 -2.97 -3.49
C GLU A 19 4.00 -3.62 -2.84
N LEU A 20 4.20 -4.53 -1.92
CA LEU A 20 3.04 -5.20 -1.25
C LEU A 20 2.13 -4.15 -0.59
N THR A 21 2.65 -2.98 -0.29
CA THR A 21 1.84 -1.91 0.35
C THR A 21 2.08 -0.59 -0.40
N PRO A 22 1.34 -0.36 -1.45
CA PRO A 22 1.47 0.88 -2.28
C PRO A 22 0.80 2.09 -1.62
N VAL A 23 0.30 1.97 -0.40
CA VAL A 23 -0.34 3.15 0.25
C VAL A 23 0.27 3.41 1.63
N CYS A 24 0.34 4.65 2.02
CA CYS A 24 0.90 5.02 3.35
C CYS A 24 -0.17 5.80 4.13
N LYS A 25 -0.91 5.13 4.96
CA LYS A 25 -1.99 5.81 5.74
C LYS A 25 -1.78 5.57 7.23
N ARG A 26 -2.11 6.54 8.05
CA ARG A 26 -1.95 6.39 9.53
C ARG A 26 -0.48 6.11 9.87
N GLY A 27 0.43 6.69 9.13
CA GLY A 27 1.88 6.46 9.40
C GLY A 27 2.21 4.98 9.28
N SER A 28 1.48 4.27 8.45
CA SER A 28 1.75 2.81 8.27
C SER A 28 1.57 2.44 6.80
N CYS A 29 2.00 1.27 6.41
CA CYS A 29 1.85 0.85 4.98
C CYS A 29 0.78 -0.24 4.85
N VAL A 30 -0.05 -0.15 3.85
CA VAL A 30 -1.09 -1.20 3.65
C VAL A 30 -1.42 -1.31 2.16
N SER A 31 -2.40 -2.09 1.83
CA SER A 31 -2.80 -2.26 0.41
C SER A 31 -3.65 -1.08 -0.05
N SER A 32 -3.16 -0.32 -0.99
CA SER A 32 -3.93 0.86 -1.50
C SER A 32 -5.30 0.41 -2.01
N GLY A 33 -5.39 -0.79 -2.51
CA GLY A 33 -6.70 -1.30 -3.03
C GLY A 33 -6.64 -2.82 -3.20
N PRO A 34 -5.83 -3.28 -4.15
CA PRO A 34 -5.66 -4.74 -4.45
C PRO A 34 -4.58 -5.34 -3.55
N GLY A 35 -4.99 -6.05 -2.53
CA GLY A 35 -4.00 -6.67 -1.60
C GLY A 35 -4.34 -8.15 -1.42
N LEU A 36 -5.59 -8.46 -1.16
CA LEU A 36 -5.99 -9.88 -0.98
C LEU A 36 -5.21 -10.51 0.18
N VAL A 37 -5.36 -9.96 1.36
CA VAL A 37 -4.61 -10.52 2.54
C VAL A 37 -5.61 -11.18 3.50
N GLY A 38 -5.14 -11.61 4.65
CA GLY A 38 -6.05 -12.26 5.63
C GLY A 38 -7.00 -11.22 6.23
N GLY A 39 -8.27 -11.54 6.30
CA GLY A 39 -9.25 -10.57 6.88
C GLY A 39 -9.73 -11.07 8.24
N ILE A 40 -11.02 -11.03 8.48
CA ILE A 40 -11.55 -11.51 9.79
C ILE A 40 -12.53 -12.65 9.55
N LEU A 41 -12.28 -13.46 8.54
CA LEU A 41 -13.18 -14.61 8.25
C LEU A 41 -12.46 -15.92 8.56
N GLY A 42 -13.09 -16.81 9.27
CA GLY A 42 -12.45 -18.11 9.62
C GLY A 42 -12.20 -18.90 8.33
N GLY A 43 -12.95 -19.95 8.12
CA GLY A 43 -12.78 -20.78 6.89
C GLY A 43 -13.33 -22.18 7.14
N ILE A 44 -14.47 -22.49 6.56
CA ILE A 44 -15.07 -23.85 6.75
C ILE A 44 -14.96 -24.63 5.45
N LEU A 45 -14.98 -23.96 4.32
CA LEU A 45 -14.88 -24.67 3.02
C LEU A 45 -13.83 -23.98 2.15
N LEU A 1 16.02 -6.64 -8.26
CA LEU A 1 14.71 -6.79 -7.58
C LEU A 1 14.67 -5.84 -6.36
N LEU A 2 14.17 -4.65 -6.55
CA LEU A 2 14.09 -3.68 -5.41
C LEU A 2 12.70 -3.06 -5.38
N ALA A 3 11.78 -3.68 -4.66
CA ALA A 3 10.40 -3.13 -4.58
C ALA A 3 10.00 -3.01 -3.11
N CYS A 4 10.85 -2.44 -2.30
CA CYS A 4 10.55 -2.28 -0.84
C CYS A 4 11.69 -1.52 -0.18
N LEU A 5 11.56 -0.23 -0.03
CA LEU A 5 12.63 0.58 0.60
C LEU A 5 12.70 0.28 2.09
N PHE A 6 11.58 -0.04 2.69
CA PHE A 6 11.56 -0.34 4.15
C PHE A 6 10.75 -1.61 4.42
N GLY A 7 9.44 -1.51 4.45
CA GLY A 7 8.61 -2.72 4.72
C GLY A 7 8.52 -2.96 6.23
N ASN A 8 8.63 -1.93 7.02
CA ASN A 8 8.55 -2.10 8.50
C ASN A 8 7.13 -1.81 9.01
N GLY A 9 6.19 -1.61 8.11
CA GLY A 9 4.79 -1.33 8.55
C GLY A 9 4.62 0.15 8.94
N ARG A 10 5.67 0.93 8.93
CA ARG A 10 5.55 2.37 9.31
C ARG A 10 6.11 3.24 8.18
N CYS A 11 5.45 4.32 7.88
CA CYS A 11 5.94 5.21 6.78
C CYS A 11 5.53 6.67 7.04
N SER A 12 6.14 7.57 6.32
CA SER A 12 5.79 9.01 6.46
C SER A 12 4.99 9.45 5.23
N SER A 13 5.18 8.78 4.12
CA SER A 13 4.44 9.10 2.88
C SER A 13 4.24 7.81 2.08
N ASN A 14 3.62 7.89 0.92
CA ASN A 14 3.40 6.66 0.11
C ASN A 14 4.75 6.09 -0.36
N ARG A 15 5.68 6.95 -0.69
CA ARG A 15 7.01 6.46 -1.17
C ARG A 15 7.77 5.77 -0.04
N ASP A 16 7.32 5.86 1.18
CA ASP A 16 8.03 5.19 2.31
C ASP A 16 7.50 3.76 2.51
N CYS A 17 6.78 3.23 1.54
CA CYS A 17 6.24 1.84 1.69
C CYS A 17 6.87 0.91 0.64
N CYS A 18 6.37 -0.29 0.51
CA CYS A 18 6.96 -1.25 -0.48
C CYS A 18 5.91 -1.58 -1.55
N GLU A 19 6.26 -2.46 -2.47
CA GLU A 19 5.31 -2.83 -3.56
C GLU A 19 4.05 -3.47 -2.96
N LEU A 20 4.21 -4.44 -2.10
CA LEU A 20 3.03 -5.11 -1.48
C LEU A 20 2.11 -4.07 -0.81
N THR A 21 2.64 -2.93 -0.46
CA THR A 21 1.81 -1.88 0.19
C THR A 21 2.10 -0.54 -0.49
N PRO A 22 1.38 -0.24 -1.54
CA PRO A 22 1.56 1.04 -2.31
C PRO A 22 0.86 2.22 -1.62
N VAL A 23 0.33 2.05 -0.43
CA VAL A 23 -0.35 3.19 0.25
C VAL A 23 0.26 3.44 1.64
N CYS A 24 0.31 4.69 2.05
CA CYS A 24 0.86 5.03 3.39
C CYS A 24 -0.20 5.81 4.17
N LYS A 25 -0.93 5.14 5.02
CA LYS A 25 -1.99 5.83 5.80
C LYS A 25 -1.80 5.58 7.30
N ARG A 26 -2.09 6.55 8.11
CA ARG A 26 -1.93 6.40 9.59
C ARG A 26 -0.46 6.09 9.92
N GLY A 27 0.46 6.68 9.20
CA GLY A 27 1.91 6.43 9.46
C GLY A 27 2.22 4.93 9.31
N SER A 28 1.47 4.24 8.49
CA SER A 28 1.71 2.78 8.30
C SER A 28 1.54 2.43 6.82
N CYS A 29 1.98 1.27 6.42
CA CYS A 29 1.85 0.88 4.97
C CYS A 29 0.80 -0.23 4.83
N VAL A 30 -0.01 -0.14 3.81
CA VAL A 30 -1.04 -1.20 3.59
C VAL A 30 -1.32 -1.30 2.09
N SER A 31 -2.28 -2.11 1.73
CA SER A 31 -2.63 -2.28 0.30
C SER A 31 -3.63 -1.20 -0.12
N SER A 32 -3.26 -0.40 -1.09
CA SER A 32 -4.17 0.69 -1.56
C SER A 32 -5.47 0.07 -2.09
N GLY A 33 -5.37 -0.98 -2.87
CA GLY A 33 -6.59 -1.63 -3.42
C GLY A 33 -7.35 -0.64 -4.32
N PRO A 34 -8.38 -1.12 -4.99
CA PRO A 34 -9.22 -0.29 -5.91
C PRO A 34 -10.34 0.41 -5.12
N GLY A 35 -11.31 0.95 -5.81
CA GLY A 35 -12.44 1.64 -5.12
C GLY A 35 -13.70 0.79 -5.21
N LEU A 36 -13.65 -0.43 -4.71
CA LEU A 36 -14.85 -1.32 -4.76
C LEU A 36 -15.26 -1.70 -3.34
N VAL A 37 -16.04 -0.86 -2.69
CA VAL A 37 -16.49 -1.16 -1.30
C VAL A 37 -18.00 -1.42 -1.31
N GLY A 38 -18.78 -0.41 -1.60
CA GLY A 38 -20.26 -0.58 -1.63
C GLY A 38 -20.80 -0.47 -0.20
N GLY A 39 -21.06 0.74 0.24
CA GLY A 39 -21.60 0.94 1.62
C GLY A 39 -23.12 1.14 1.56
N ILE A 40 -23.61 1.70 0.48
CA ILE A 40 -25.08 1.93 0.36
C ILE A 40 -25.59 1.28 -0.94
N LEU A 41 -25.82 0.00 -0.91
CA LEU A 41 -26.32 -0.70 -2.13
C LEU A 41 -27.85 -0.75 -2.10
N GLY A 42 -28.48 -0.63 -3.24
CA GLY A 42 -29.97 -0.65 -3.30
C GLY A 42 -30.45 -2.07 -3.01
N GLY A 43 -30.41 -2.93 -4.01
CA GLY A 43 -30.87 -4.34 -3.81
C GLY A 43 -30.04 -5.27 -4.69
N ILE A 44 -29.03 -5.90 -4.12
CA ILE A 44 -28.16 -6.82 -4.90
C ILE A 44 -27.52 -6.07 -6.08
N LEU A 45 -26.51 -5.28 -5.80
CA LEU A 45 -25.84 -4.49 -6.88
C LEU A 45 -26.84 -3.57 -7.56
N LEU A 1 14.57 -7.48 -7.91
CA LEU A 1 13.78 -7.62 -6.65
C LEU A 1 13.83 -6.30 -5.88
N LEU A 2 13.78 -5.20 -6.57
CA LEU A 2 13.82 -3.87 -5.88
C LEU A 2 12.41 -3.28 -5.83
N ALA A 3 11.73 -3.45 -4.72
CA ALA A 3 10.35 -2.89 -4.60
C ALA A 3 9.96 -2.84 -3.12
N CYS A 4 10.85 -2.37 -2.29
CA CYS A 4 10.55 -2.27 -0.83
C CYS A 4 11.74 -1.63 -0.12
N LEU A 5 11.68 -0.35 0.12
CA LEU A 5 12.81 0.34 0.80
C LEU A 5 12.93 -0.18 2.23
N PHE A 6 11.83 -0.47 2.85
CA PHE A 6 11.87 -1.00 4.25
C PHE A 6 10.79 -2.07 4.42
N GLY A 7 9.56 -1.66 4.56
CA GLY A 7 8.46 -2.65 4.73
C GLY A 7 8.25 -2.94 6.22
N ASN A 8 8.48 -1.97 7.06
CA ASN A 8 8.31 -2.18 8.53
C ASN A 8 6.90 -1.77 8.96
N GLY A 9 5.99 -1.61 8.02
CA GLY A 9 4.59 -1.21 8.37
C GLY A 9 4.55 0.25 8.86
N ARG A 10 5.63 0.98 8.75
CA ARG A 10 5.62 2.40 9.21
C ARG A 10 6.18 3.29 8.09
N CYS A 11 5.53 4.39 7.82
CA CYS A 11 6.01 5.29 6.72
C CYS A 11 5.64 6.74 7.02
N SER A 12 6.23 7.64 6.28
CA SER A 12 5.91 9.10 6.43
C SER A 12 5.08 9.54 5.23
N SER A 13 5.27 8.90 4.12
CA SER A 13 4.49 9.23 2.88
C SER A 13 4.25 7.93 2.10
N ASN A 14 3.63 8.02 0.96
CA ASN A 14 3.35 6.79 0.16
C ASN A 14 4.66 6.19 -0.36
N ARG A 15 5.60 7.03 -0.73
CA ARG A 15 6.91 6.52 -1.25
C ARG A 15 7.70 5.82 -0.14
N ASP A 16 7.28 5.93 1.10
CA ASP A 16 8.03 5.27 2.21
C ASP A 16 7.50 3.83 2.42
N CYS A 17 6.76 3.29 1.47
CA CYS A 17 6.23 1.91 1.64
C CYS A 17 6.84 0.97 0.59
N CYS A 18 6.35 -0.24 0.50
CA CYS A 18 6.91 -1.21 -0.49
C CYS A 18 5.87 -1.51 -1.58
N GLU A 19 6.21 -2.35 -2.52
CA GLU A 19 5.27 -2.70 -3.62
C GLU A 19 4.01 -3.36 -3.05
N LEU A 20 4.15 -4.35 -2.21
CA LEU A 20 2.97 -5.03 -1.62
C LEU A 20 2.05 -4.01 -0.92
N THR A 21 2.61 -2.89 -0.53
CA THR A 21 1.79 -1.84 0.14
C THR A 21 2.12 -0.48 -0.51
N PRO A 22 1.39 -0.14 -1.55
CA PRO A 22 1.60 1.14 -2.28
C PRO A 22 0.89 2.31 -1.60
N VAL A 23 0.37 2.13 -0.39
CA VAL A 23 -0.32 3.26 0.29
C VAL A 23 0.28 3.51 1.67
N CYS A 24 0.33 4.75 2.08
CA CYS A 24 0.87 5.10 3.42
C CYS A 24 -0.20 5.86 4.20
N LYS A 25 -0.93 5.16 5.03
CA LYS A 25 -2.02 5.82 5.81
C LYS A 25 -1.82 5.56 7.31
N ARG A 26 -2.18 6.51 8.13
CA ARG A 26 -2.02 6.34 9.62
C ARG A 26 -0.55 6.08 9.97
N GLY A 27 0.35 6.69 9.23
CA GLY A 27 1.80 6.50 9.52
C GLY A 27 2.19 5.03 9.36
N SER A 28 1.47 4.31 8.53
CA SER A 28 1.79 2.86 8.32
C SER A 28 1.61 2.51 6.86
N CYS A 29 2.06 1.35 6.45
CA CYS A 29 1.92 0.95 5.02
C CYS A 29 0.89 -0.17 4.87
N VAL A 30 0.09 -0.11 3.84
CA VAL A 30 -0.91 -1.18 3.62
C VAL A 30 -1.18 -1.32 2.12
N SER A 31 -2.02 -2.25 1.76
CA SER A 31 -2.32 -2.47 0.32
C SER A 31 -3.57 -1.67 -0.07
N SER A 32 -3.41 -0.65 -0.85
CA SER A 32 -4.57 0.17 -1.28
C SER A 32 -5.46 -0.64 -2.23
N GLY A 33 -4.90 -1.09 -3.33
CA GLY A 33 -5.70 -1.89 -4.29
C GLY A 33 -6.79 -1.01 -4.93
N PRO A 34 -6.38 -0.07 -5.76
CA PRO A 34 -7.30 0.87 -6.46
C PRO A 34 -7.84 0.25 -7.76
N GLY A 35 -8.81 -0.63 -7.65
CA GLY A 35 -9.38 -1.28 -8.86
C GLY A 35 -8.66 -2.61 -9.11
N LEU A 36 -9.08 -3.66 -8.46
CA LEU A 36 -8.43 -4.98 -8.64
C LEU A 36 -9.45 -5.99 -9.15
N VAL A 37 -10.44 -5.54 -9.86
CA VAL A 37 -11.48 -6.47 -10.40
C VAL A 37 -11.37 -6.55 -11.92
N GLY A 38 -12.19 -7.35 -12.56
CA GLY A 38 -12.13 -7.47 -14.04
C GLY A 38 -12.25 -8.95 -14.43
N GLY A 39 -13.17 -9.27 -15.31
CA GLY A 39 -13.35 -10.69 -15.74
C GLY A 39 -14.60 -10.81 -16.60
N ILE A 40 -15.17 -11.98 -16.66
CA ILE A 40 -16.41 -12.18 -17.48
C ILE A 40 -17.58 -12.49 -16.56
N LEU A 41 -17.67 -11.81 -15.45
CA LEU A 41 -18.80 -12.05 -14.50
C LEU A 41 -19.91 -11.04 -14.76
N GLY A 42 -21.07 -11.25 -14.18
CA GLY A 42 -22.20 -10.31 -14.38
C GLY A 42 -22.48 -9.55 -13.08
N GLY A 43 -22.29 -10.20 -11.95
CA GLY A 43 -22.55 -9.53 -10.64
C GLY A 43 -22.23 -10.51 -9.51
N ILE A 44 -21.32 -10.14 -8.64
CA ILE A 44 -20.96 -11.03 -7.50
C ILE A 44 -21.64 -10.52 -6.22
N LEU A 45 -22.80 -11.04 -5.91
CA LEU A 45 -23.53 -10.61 -4.69
C LEU A 45 -23.16 -11.52 -3.53
N LEU A 1 15.96 -5.73 -7.11
CA LEU A 1 14.65 -5.68 -6.40
C LEU A 1 14.42 -4.25 -5.88
N LEU A 2 13.89 -3.39 -6.72
CA LEU A 2 13.63 -1.99 -6.30
C LEU A 2 12.11 -1.79 -6.11
N ALA A 3 11.57 -2.28 -5.03
CA ALA A 3 10.10 -2.14 -4.79
C ALA A 3 9.82 -2.28 -3.29
N CYS A 4 10.72 -1.82 -2.46
CA CYS A 4 10.51 -1.93 -0.98
C CYS A 4 11.69 -1.27 -0.27
N LEU A 5 11.52 -0.05 0.14
CA LEU A 5 12.61 0.67 0.86
C LEU A 5 12.70 0.16 2.30
N PHE A 6 11.59 -0.25 2.85
CA PHE A 6 11.59 -0.76 4.25
C PHE A 6 10.53 -1.85 4.42
N GLY A 7 9.28 -1.46 4.51
CA GLY A 7 8.19 -2.46 4.66
C GLY A 7 8.06 -2.85 6.14
N ASN A 8 8.39 -1.95 7.03
CA ASN A 8 8.28 -2.25 8.48
C ASN A 8 6.90 -1.89 9.02
N GLY A 9 5.95 -1.63 8.13
CA GLY A 9 4.57 -1.27 8.60
C GLY A 9 4.49 0.21 8.99
N ARG A 10 5.59 0.93 8.96
CA ARG A 10 5.55 2.38 9.33
C ARG A 10 6.15 3.21 8.20
N CYS A 11 5.53 4.32 7.89
CA CYS A 11 6.06 5.19 6.79
C CYS A 11 5.72 6.65 7.04
N SER A 12 6.36 7.52 6.30
CA SER A 12 6.07 8.99 6.43
C SER A 12 5.27 9.44 5.21
N SER A 13 5.46 8.77 4.11
CA SER A 13 4.73 9.11 2.86
C SER A 13 4.45 7.81 2.09
N ASN A 14 3.86 7.90 0.93
CA ASN A 14 3.56 6.66 0.14
C ASN A 14 4.86 6.04 -0.34
N ARG A 15 5.84 6.84 -0.70
CA ARG A 15 7.13 6.29 -1.19
C ARG A 15 7.89 5.58 -0.06
N ASP A 16 7.44 5.72 1.17
CA ASP A 16 8.15 5.04 2.30
C ASP A 16 7.59 3.61 2.49
N CYS A 17 6.85 3.09 1.54
CA CYS A 17 6.29 1.71 1.70
C CYS A 17 6.87 0.79 0.63
N CYS A 18 6.33 -0.41 0.50
CA CYS A 18 6.87 -1.37 -0.52
C CYS A 18 5.79 -1.69 -1.56
N GLU A 19 6.11 -2.56 -2.48
CA GLU A 19 5.13 -2.93 -3.55
C GLU A 19 3.88 -3.56 -2.92
N LEU A 20 4.04 -4.55 -2.08
CA LEU A 20 2.86 -5.20 -1.43
C LEU A 20 1.98 -4.14 -0.75
N THR A 21 2.56 -3.03 -0.38
CA THR A 21 1.79 -1.94 0.28
C THR A 21 2.15 -0.61 -0.40
N PRO A 22 1.44 -0.27 -1.46
CA PRO A 22 1.70 0.98 -2.23
C PRO A 22 1.00 2.18 -1.59
N VAL A 23 0.45 2.03 -0.40
CA VAL A 23 -0.22 3.20 0.25
C VAL A 23 0.35 3.45 1.65
N CYS A 24 0.44 4.70 2.03
CA CYS A 24 0.97 5.05 3.37
C CYS A 24 -0.09 5.87 4.11
N LYS A 25 -0.87 5.23 4.94
CA LYS A 25 -1.93 5.95 5.70
C LYS A 25 -1.77 5.70 7.20
N ARG A 26 -2.10 6.67 8.00
CA ARG A 26 -1.98 6.52 9.49
C ARG A 26 -0.52 6.22 9.86
N GLY A 27 0.41 6.78 9.14
CA GLY A 27 1.86 6.55 9.44
C GLY A 27 2.18 5.06 9.32
N SER A 28 1.48 4.36 8.46
CA SER A 28 1.75 2.91 8.29
C SER A 28 1.58 2.53 6.82
N CYS A 29 1.99 1.36 6.44
CA CYS A 29 1.86 0.93 5.01
C CYS A 29 0.80 -0.16 4.89
N VAL A 30 0.02 -0.12 3.84
CA VAL A 30 -1.00 -1.18 3.63
C VAL A 30 -1.24 -1.35 2.14
N SER A 31 -2.05 -2.30 1.78
CA SER A 31 -2.34 -2.56 0.34
C SER A 31 -3.57 -1.77 -0.08
N SER A 32 -3.39 -0.76 -0.88
CA SER A 32 -4.55 0.06 -1.36
C SER A 32 -5.31 -0.72 -2.43
N GLY A 33 -4.61 -1.22 -3.42
CA GLY A 33 -5.28 -1.99 -4.50
C GLY A 33 -5.16 -1.21 -5.82
N PRO A 34 -5.84 -0.08 -5.91
CA PRO A 34 -5.84 0.79 -7.12
C PRO A 34 -4.66 1.78 -7.07
N GLY A 35 -4.68 2.79 -7.89
CA GLY A 35 -3.57 3.79 -7.88
C GLY A 35 -4.13 5.21 -7.94
N LEU A 36 -5.09 5.44 -8.79
CA LEU A 36 -5.69 6.80 -8.91
C LEU A 36 -6.94 6.89 -8.02
N VAL A 37 -6.76 6.91 -6.73
CA VAL A 37 -7.92 7.01 -5.79
C VAL A 37 -7.69 8.16 -4.80
N GLY A 38 -8.75 8.63 -4.19
CA GLY A 38 -8.60 9.75 -3.20
C GLY A 38 -8.08 11.00 -3.92
N GLY A 39 -8.97 11.80 -4.47
CA GLY A 39 -8.54 13.02 -5.19
C GLY A 39 -9.72 13.99 -5.29
N ILE A 40 -9.47 15.18 -5.79
CA ILE A 40 -10.58 16.18 -5.93
C ILE A 40 -11.09 16.19 -7.37
N LEU A 41 -11.41 15.03 -7.89
CA LEU A 41 -11.91 14.96 -9.30
C LEU A 41 -13.43 14.81 -9.29
N GLY A 42 -14.04 14.76 -10.44
CA GLY A 42 -15.52 14.61 -10.51
C GLY A 42 -15.89 13.13 -10.46
N GLY A 43 -15.51 12.45 -9.41
CA GLY A 43 -15.84 10.99 -9.30
C GLY A 43 -15.82 10.57 -7.82
N ILE A 44 -16.97 10.31 -7.26
CA ILE A 44 -17.03 9.90 -5.83
C ILE A 44 -17.68 8.51 -5.73
N LEU A 45 -18.72 8.28 -6.49
CA LEU A 45 -19.40 6.96 -6.44
C LEU A 45 -18.70 5.99 -7.40
N LEU A 1 15.38 -7.29 -8.88
CA LEU A 1 14.01 -6.76 -8.67
C LEU A 1 13.85 -6.31 -7.21
N LEU A 2 13.94 -5.04 -6.95
CA LEU A 2 13.80 -4.54 -5.55
C LEU A 2 12.63 -3.55 -5.48
N ALA A 3 11.59 -3.90 -4.76
CA ALA A 3 10.41 -2.99 -4.64
C ALA A 3 10.00 -2.90 -3.16
N CYS A 4 10.89 -2.42 -2.33
CA CYS A 4 10.58 -2.29 -0.87
C CYS A 4 11.77 -1.65 -0.16
N LEU A 5 11.71 -0.36 0.04
CA LEU A 5 12.84 0.35 0.72
C LEU A 5 12.83 0.03 2.22
N PHE A 6 11.67 -0.22 2.77
CA PHE A 6 11.58 -0.54 4.22
C PHE A 6 10.64 -1.73 4.45
N GLY A 7 9.35 -1.50 4.43
CA GLY A 7 8.38 -2.61 4.64
C GLY A 7 8.27 -2.92 6.13
N ASN A 8 8.49 -1.93 6.98
CA ASN A 8 8.39 -2.16 8.44
C ASN A 8 6.98 -1.82 8.95
N GLY A 9 6.05 -1.56 8.07
CA GLY A 9 4.66 -1.23 8.50
C GLY A 9 4.56 0.24 8.93
N ARG A 10 5.65 0.98 8.91
CA ARG A 10 5.59 2.41 9.32
C ARG A 10 6.16 3.28 8.18
N CYS A 11 5.51 4.38 7.89
CA CYS A 11 6.01 5.27 6.79
C CYS A 11 5.64 6.72 7.06
N SER A 12 6.24 7.62 6.34
CA SER A 12 5.93 9.06 6.48
C SER A 12 5.11 9.51 5.26
N SER A 13 5.29 8.85 4.15
CA SER A 13 4.53 9.19 2.92
C SER A 13 4.32 7.89 2.12
N ASN A 14 3.72 7.99 0.96
CA ASN A 14 3.47 6.77 0.14
C ASN A 14 4.81 6.19 -0.35
N ARG A 15 5.76 7.05 -0.66
CA ARG A 15 7.08 6.57 -1.14
C ARG A 15 7.85 5.84 -0.04
N ASP A 16 7.38 5.92 1.19
CA ASP A 16 8.09 5.23 2.31
C ASP A 16 7.53 3.80 2.48
N CYS A 17 6.83 3.29 1.50
CA CYS A 17 6.25 1.91 1.64
C CYS A 17 6.85 0.98 0.58
N CYS A 18 6.32 -0.21 0.44
CA CYS A 18 6.88 -1.17 -0.56
C CYS A 18 5.82 -1.49 -1.62
N GLU A 19 6.15 -2.35 -2.55
CA GLU A 19 5.17 -2.71 -3.63
C GLU A 19 3.94 -3.36 -3.02
N LEU A 20 4.12 -4.36 -2.18
CA LEU A 20 2.95 -5.05 -1.54
C LEU A 20 2.04 -4.01 -0.86
N THR A 21 2.59 -2.89 -0.48
CA THR A 21 1.79 -1.83 0.18
C THR A 21 2.10 -0.49 -0.48
N PRO A 22 1.38 -0.16 -1.53
CA PRO A 22 1.58 1.11 -2.29
C PRO A 22 0.88 2.30 -1.61
N VAL A 23 0.36 2.11 -0.41
CA VAL A 23 -0.33 3.26 0.26
C VAL A 23 0.28 3.50 1.66
N CYS A 24 0.36 4.74 2.05
CA CYS A 24 0.92 5.09 3.38
C CYS A 24 -0.13 5.88 4.15
N LYS A 25 -0.89 5.23 4.99
CA LYS A 25 -1.94 5.93 5.77
C LYS A 25 -1.80 5.59 7.25
N ARG A 26 -2.19 6.49 8.13
CA ARG A 26 -2.09 6.22 9.59
C ARG A 26 -0.62 6.00 9.97
N GLY A 27 0.28 6.63 9.26
CA GLY A 27 1.74 6.46 9.57
C GLY A 27 2.14 5.00 9.38
N SER A 28 1.47 4.29 8.51
CA SER A 28 1.82 2.87 8.27
C SER A 28 1.61 2.52 6.80
N CYS A 29 2.05 1.36 6.38
CA CYS A 29 1.88 0.96 4.95
C CYS A 29 0.85 -0.14 4.83
N VAL A 30 0.05 -0.10 3.80
CA VAL A 30 -0.96 -1.18 3.60
C VAL A 30 -1.22 -1.34 2.09
N SER A 31 -2.03 -2.30 1.74
CA SER A 31 -2.33 -2.53 0.31
C SER A 31 -3.58 -1.76 -0.09
N SER A 32 -3.41 -0.68 -0.82
CA SER A 32 -4.59 0.12 -1.26
C SER A 32 -5.47 -0.72 -2.18
N GLY A 33 -4.85 -1.48 -3.06
CA GLY A 33 -5.64 -2.34 -4.00
C GLY A 33 -6.49 -1.44 -4.92
N PRO A 34 -6.87 -1.97 -6.08
CA PRO A 34 -7.70 -1.24 -7.08
C PRO A 34 -9.19 -1.41 -6.76
N GLY A 35 -9.58 -1.18 -5.53
CA GLY A 35 -11.02 -1.34 -5.16
C GLY A 35 -11.35 -2.82 -5.04
N LEU A 36 -10.58 -3.55 -4.27
CA LEU A 36 -10.86 -5.02 -4.11
C LEU A 36 -12.22 -5.21 -3.44
N VAL A 37 -12.81 -6.36 -3.59
CA VAL A 37 -14.14 -6.62 -2.97
C VAL A 37 -14.04 -7.86 -2.08
N GLY A 38 -15.02 -8.09 -1.24
CA GLY A 38 -15.00 -9.28 -0.36
C GLY A 38 -15.64 -8.94 0.98
N GLY A 39 -15.42 -7.74 1.47
CA GLY A 39 -16.02 -7.33 2.77
C GLY A 39 -17.24 -6.44 2.52
N ILE A 40 -18.35 -6.73 3.14
CA ILE A 40 -19.57 -5.90 2.94
C ILE A 40 -19.59 -4.76 3.97
N LEU A 41 -18.53 -4.02 4.07
CA LEU A 41 -18.48 -2.89 5.05
C LEU A 41 -19.10 -1.65 4.42
N GLY A 42 -20.25 -1.25 4.91
CA GLY A 42 -20.93 -0.03 4.35
C GLY A 42 -21.71 -0.42 3.09
N GLY A 43 -23.01 -0.23 3.12
CA GLY A 43 -23.84 -0.59 1.93
C GLY A 43 -25.09 0.30 1.90
N ILE A 44 -26.24 -0.30 1.78
CA ILE A 44 -27.51 0.49 1.75
C ILE A 44 -28.30 0.23 3.03
N LEU A 45 -28.86 1.27 3.60
CA LEU A 45 -29.65 1.11 4.86
C LEU A 45 -31.10 0.78 4.51
N LEU A 1 15.54 -8.35 -7.11
CA LEU A 1 14.26 -8.17 -6.37
C LEU A 1 14.27 -6.82 -5.65
N LEU A 2 13.78 -5.79 -6.29
CA LEU A 2 13.76 -4.44 -5.65
C LEU A 2 12.33 -3.89 -5.68
N ALA A 3 11.69 -3.86 -4.55
CA ALA A 3 10.29 -3.34 -4.48
C ALA A 3 9.88 -3.15 -3.02
N CYS A 4 10.78 -2.67 -2.20
CA CYS A 4 10.46 -2.46 -0.76
C CYS A 4 11.67 -1.83 -0.08
N LEU A 5 11.66 -0.54 0.08
CA LEU A 5 12.81 0.16 0.73
C LEU A 5 12.85 -0.19 2.22
N PHE A 6 11.69 -0.39 2.81
CA PHE A 6 11.64 -0.73 4.26
C PHE A 6 10.69 -1.91 4.48
N GLY A 7 9.41 -1.65 4.49
CA GLY A 7 8.42 -2.75 4.70
C GLY A 7 8.24 -3.00 6.20
N ASN A 8 8.43 -1.98 7.01
CA ASN A 8 8.26 -2.16 8.48
C ASN A 8 6.85 -1.72 8.92
N GLY A 9 5.94 -1.56 7.98
CA GLY A 9 4.55 -1.14 8.33
C GLY A 9 4.54 0.31 8.86
N ARG A 10 5.64 1.02 8.74
CA ARG A 10 5.66 2.44 9.23
C ARG A 10 6.21 3.33 8.11
N CYS A 11 5.55 4.43 7.85
CA CYS A 11 6.03 5.34 6.76
C CYS A 11 5.66 6.79 7.05
N SER A 12 6.25 7.70 6.32
CA SER A 12 5.91 9.14 6.48
C SER A 12 5.07 9.59 5.28
N SER A 13 5.26 8.94 4.16
CA SER A 13 4.49 9.28 2.93
C SER A 13 4.25 8.00 2.14
N ASN A 14 3.62 8.08 1.00
CA ASN A 14 3.38 6.85 0.18
C ASN A 14 4.71 6.29 -0.34
N ARG A 15 5.63 7.15 -0.68
CA ARG A 15 6.94 6.68 -1.19
C ARG A 15 7.74 5.96 -0.10
N ASP A 16 7.31 6.04 1.13
CA ASP A 16 8.05 5.35 2.23
C ASP A 16 7.50 3.92 2.42
N CYS A 17 6.78 3.40 1.46
CA CYS A 17 6.22 2.01 1.61
C CYS A 17 6.83 1.08 0.56
N CYS A 18 6.33 -0.12 0.45
CA CYS A 18 6.89 -1.10 -0.54
C CYS A 18 5.86 -1.38 -1.63
N GLU A 19 6.22 -2.18 -2.61
CA GLU A 19 5.27 -2.51 -3.72
C GLU A 19 4.04 -3.23 -3.16
N LEU A 20 4.25 -4.21 -2.33
CA LEU A 20 3.09 -4.96 -1.74
C LEU A 20 2.14 -3.99 -1.03
N THR A 21 2.67 -2.87 -0.59
CA THR A 21 1.82 -1.85 0.09
C THR A 21 2.11 -0.48 -0.55
N PRO A 22 1.39 -0.14 -1.59
CA PRO A 22 1.57 1.15 -2.31
C PRO A 22 0.85 2.31 -1.59
N VAL A 23 0.35 2.11 -0.39
CA VAL A 23 -0.34 3.24 0.30
C VAL A 23 0.28 3.49 1.69
N CYS A 24 0.34 4.73 2.09
CA CYS A 24 0.91 5.09 3.42
C CYS A 24 -0.16 5.84 4.21
N LYS A 25 -0.90 5.15 5.03
CA LYS A 25 -1.97 5.82 5.83
C LYS A 25 -1.80 5.50 7.31
N ARG A 26 -2.20 6.40 8.18
CA ARG A 26 -2.06 6.16 9.65
C ARG A 26 -0.59 5.97 9.99
N GLY A 27 0.29 6.62 9.28
CA GLY A 27 1.76 6.50 9.56
C GLY A 27 2.19 5.04 9.38
N SER A 28 1.51 4.30 8.53
CA SER A 28 1.89 2.88 8.30
C SER A 28 1.69 2.53 6.83
N CYS A 29 2.15 1.38 6.42
CA CYS A 29 1.99 0.97 4.99
C CYS A 29 0.97 -0.16 4.87
N VAL A 30 0.15 -0.12 3.85
CA VAL A 30 -0.83 -1.21 3.65
C VAL A 30 -1.12 -1.34 2.15
N SER A 31 -1.95 -2.28 1.79
CA SER A 31 -2.27 -2.49 0.37
C SER A 31 -3.49 -1.66 -0.01
N SER A 32 -3.37 -0.87 -1.04
CA SER A 32 -4.51 0.00 -1.48
C SER A 32 -5.69 -0.89 -1.88
N GLY A 33 -5.48 -1.85 -2.75
CA GLY A 33 -6.58 -2.75 -3.18
C GLY A 33 -6.97 -2.44 -4.63
N PRO A 34 -7.70 -1.36 -4.82
CA PRO A 34 -8.18 -0.91 -6.18
C PRO A 34 -7.10 -0.06 -6.86
N GLY A 35 -5.98 -0.65 -7.19
CA GLY A 35 -4.89 0.12 -7.87
C GLY A 35 -4.81 -0.30 -9.33
N LEU A 36 -5.08 -1.56 -9.61
CA LEU A 36 -5.02 -2.05 -11.02
C LEU A 36 -6.30 -2.84 -11.34
N VAL A 37 -6.83 -2.68 -12.53
CA VAL A 37 -8.07 -3.42 -12.90
C VAL A 37 -7.79 -4.92 -12.90
N GLY A 38 -8.75 -5.71 -13.32
CA GLY A 38 -8.54 -7.18 -13.35
C GLY A 38 -9.88 -7.88 -13.61
N GLY A 39 -9.89 -8.84 -14.50
CA GLY A 39 -11.15 -9.57 -14.82
C GLY A 39 -11.08 -11.01 -14.30
N ILE A 40 -11.31 -11.97 -15.15
CA ILE A 40 -11.25 -13.40 -14.71
C ILE A 40 -9.84 -13.95 -14.99
N LEU A 41 -8.83 -13.21 -14.65
CA LEU A 41 -7.44 -13.69 -14.90
C LEU A 41 -6.81 -14.12 -13.57
N GLY A 42 -7.58 -14.71 -12.70
CA GLY A 42 -7.03 -15.16 -11.39
C GLY A 42 -7.32 -14.11 -10.31
N GLY A 43 -6.57 -13.03 -10.32
CA GLY A 43 -6.78 -11.95 -9.30
C GLY A 43 -5.77 -12.11 -8.17
N ILE A 44 -4.91 -11.14 -8.00
CA ILE A 44 -3.90 -11.22 -6.91
C ILE A 44 -4.49 -10.63 -5.62
N LEU A 45 -5.60 -11.15 -5.18
CA LEU A 45 -6.23 -10.62 -3.93
C LEU A 45 -7.36 -11.56 -3.49
N LEU A 1 16.63 -3.31 -9.39
CA LEU A 1 16.09 -2.25 -8.49
C LEU A 1 15.48 -2.92 -7.26
N LEU A 2 14.67 -2.19 -6.52
CA LEU A 2 14.05 -2.77 -5.30
C LEU A 2 12.63 -2.20 -5.13
N ALA A 3 11.67 -3.06 -4.87
CA ALA A 3 10.28 -2.58 -4.69
C ALA A 3 9.92 -2.60 -3.19
N CYS A 4 10.80 -2.08 -2.38
CA CYS A 4 10.54 -2.05 -0.90
C CYS A 4 11.70 -1.31 -0.21
N LEU A 5 11.51 -0.05 0.05
CA LEU A 5 12.60 0.75 0.71
C LEU A 5 12.64 0.41 2.21
N PHE A 6 11.52 0.02 2.77
CA PHE A 6 11.50 -0.33 4.22
C PHE A 6 10.65 -1.57 4.46
N GLY A 7 9.34 -1.41 4.48
CA GLY A 7 8.45 -2.58 4.71
C GLY A 7 8.39 -2.90 6.21
N ASN A 8 8.58 -1.90 7.04
CA ASN A 8 8.52 -2.14 8.52
C ASN A 8 7.12 -1.84 9.06
N GLY A 9 6.16 -1.61 8.19
CA GLY A 9 4.77 -1.31 8.66
C GLY A 9 4.60 0.16 9.01
N ARG A 10 5.67 0.93 9.04
CA ARG A 10 5.55 2.38 9.38
C ARG A 10 6.15 3.22 8.25
N CYS A 11 5.50 4.30 7.91
CA CYS A 11 6.01 5.17 6.80
C CYS A 11 5.62 6.62 7.03
N SER A 12 6.22 7.51 6.29
CA SER A 12 5.89 8.96 6.40
C SER A 12 5.12 9.39 5.16
N SER A 13 5.28 8.70 4.08
CA SER A 13 4.57 9.03 2.81
C SER A 13 4.36 7.73 2.02
N ASN A 14 3.74 7.81 0.87
CA ASN A 14 3.52 6.58 0.05
C ASN A 14 4.86 6.01 -0.41
N ARG A 15 5.81 6.85 -0.71
CA ARG A 15 7.14 6.36 -1.18
C ARG A 15 7.89 5.65 -0.05
N ASP A 16 7.41 5.75 1.18
CA ASP A 16 8.11 5.06 2.31
C ASP A 16 7.54 3.65 2.49
N CYS A 17 6.82 3.12 1.52
CA CYS A 17 6.25 1.76 1.66
C CYS A 17 6.86 0.83 0.61
N CYS A 18 6.34 -0.37 0.48
CA CYS A 18 6.91 -1.33 -0.51
C CYS A 18 5.85 -1.68 -1.56
N GLU A 19 6.17 -2.57 -2.47
CA GLU A 19 5.19 -2.96 -3.54
C GLU A 19 3.96 -3.61 -2.90
N LEU A 20 4.16 -4.54 -2.00
CA LEU A 20 2.99 -5.22 -1.35
C LEU A 20 2.08 -4.18 -0.70
N THR A 21 2.61 -3.02 -0.38
CA THR A 21 1.78 -1.95 0.25
C THR A 21 2.06 -0.63 -0.46
N PRO A 22 1.33 -0.36 -1.53
CA PRO A 22 1.50 0.90 -2.33
C PRO A 22 0.84 2.10 -1.65
N VAL A 23 0.33 1.96 -0.45
CA VAL A 23 -0.31 3.14 0.22
C VAL A 23 0.31 3.38 1.61
N CYS A 24 0.40 4.63 2.00
CA CYS A 24 0.97 4.99 3.34
C CYS A 24 -0.08 5.81 4.09
N LYS A 25 -0.84 5.17 4.94
CA LYS A 25 -1.89 5.90 5.70
C LYS A 25 -1.76 5.59 7.19
N ARG A 26 -2.14 6.50 8.04
CA ARG A 26 -2.04 6.28 9.51
C ARG A 26 -0.58 6.02 9.90
N GLY A 27 0.35 6.62 9.19
CA GLY A 27 1.79 6.43 9.50
C GLY A 27 2.16 4.95 9.35
N SER A 28 1.48 4.25 8.47
CA SER A 28 1.78 2.81 8.26
C SER A 28 1.59 2.45 6.79
N CYS A 29 2.01 1.28 6.39
CA CYS A 29 1.86 0.88 4.97
C CYS A 29 0.81 -0.22 4.84
N VAL A 30 -0.02 -0.13 3.82
CA VAL A 30 -1.06 -1.17 3.63
C VAL A 30 -1.36 -1.31 2.13
N SER A 31 -2.37 -2.07 1.80
CA SER A 31 -2.74 -2.26 0.38
C SER A 31 -3.63 -1.10 -0.08
N SER A 32 -3.22 -0.43 -1.13
CA SER A 32 -4.02 0.73 -1.65
C SER A 32 -5.48 0.31 -1.88
N GLY A 33 -5.70 -0.78 -2.56
CA GLY A 33 -7.10 -1.23 -2.82
C GLY A 33 -7.84 -0.18 -3.65
N PRO A 34 -9.13 -0.02 -3.42
CA PRO A 34 -9.99 0.96 -4.14
C PRO A 34 -9.87 2.36 -3.51
N GLY A 35 -10.76 3.25 -3.84
CA GLY A 35 -10.71 4.62 -3.26
C GLY A 35 -11.65 4.72 -2.06
N LEU A 36 -12.73 5.45 -2.20
CA LEU A 36 -13.69 5.59 -1.08
C LEU A 36 -14.68 4.42 -1.10
N VAL A 37 -15.29 4.12 0.03
CA VAL A 37 -16.27 3.00 0.11
C VAL A 37 -15.54 1.66 -0.08
N GLY A 38 -15.08 1.38 -1.28
CA GLY A 38 -14.37 0.09 -1.53
C GLY A 38 -15.35 -1.06 -1.44
N GLY A 39 -14.88 -2.21 -0.99
CA GLY A 39 -15.79 -3.39 -0.87
C GLY A 39 -14.97 -4.68 -0.98
N ILE A 40 -15.44 -5.75 -0.39
CA ILE A 40 -14.70 -7.04 -0.46
C ILE A 40 -15.40 -7.99 -1.44
N LEU A 41 -16.66 -7.80 -1.67
CA LEU A 41 -17.40 -8.69 -2.61
C LEU A 41 -18.37 -7.86 -3.45
N GLY A 42 -18.87 -8.41 -4.52
CA GLY A 42 -19.82 -7.66 -5.39
C GLY A 42 -21.24 -7.84 -4.86
N GLY A 43 -21.90 -8.91 -5.22
CA GLY A 43 -23.30 -9.14 -4.74
C GLY A 43 -23.74 -10.55 -5.13
N ILE A 44 -24.86 -10.66 -5.80
CA ILE A 44 -25.36 -12.00 -6.22
C ILE A 44 -25.70 -11.98 -7.71
N LEU A 45 -24.92 -12.63 -8.52
CA LEU A 45 -25.20 -12.66 -9.99
C LEU A 45 -25.63 -14.06 -10.40
N LEU A 1 14.64 -7.98 -5.37
CA LEU A 1 14.47 -6.94 -6.41
C LEU A 1 14.29 -5.57 -5.76
N LEU A 2 14.45 -4.51 -6.50
CA LEU A 2 14.29 -3.15 -5.93
C LEU A 2 12.80 -2.76 -5.94
N ALA A 3 12.15 -2.90 -4.81
CA ALA A 3 10.69 -2.55 -4.74
C ALA A 3 10.23 -2.58 -3.29
N CYS A 4 11.06 -2.15 -2.38
CA CYS A 4 10.69 -2.14 -0.94
C CYS A 4 11.83 -1.53 -0.12
N LEU A 5 11.72 -0.27 0.19
CA LEU A 5 12.79 0.40 0.98
C LEU A 5 12.83 -0.19 2.39
N PHE A 6 11.68 -0.53 2.91
CA PHE A 6 11.63 -1.11 4.28
C PHE A 6 10.46 -2.09 4.37
N GLY A 7 9.26 -1.58 4.46
CA GLY A 7 8.06 -2.47 4.56
C GLY A 7 7.87 -2.90 6.02
N ASN A 8 8.18 -2.04 6.95
CA ASN A 8 8.01 -2.40 8.39
C ASN A 8 6.65 -1.89 8.90
N GLY A 9 5.72 -1.66 8.01
CA GLY A 9 4.36 -1.18 8.44
C GLY A 9 4.41 0.27 8.92
N ARG A 10 5.53 0.95 8.77
CA ARG A 10 5.61 2.37 9.22
C ARG A 10 6.18 3.23 8.09
N CYS A 11 5.56 4.35 7.83
CA CYS A 11 6.06 5.24 6.73
C CYS A 11 5.73 6.71 7.02
N SER A 12 6.32 7.59 6.27
CA SER A 12 6.03 9.04 6.41
C SER A 12 5.17 9.50 5.24
N SER A 13 5.32 8.85 4.11
CA SER A 13 4.52 9.19 2.90
C SER A 13 4.25 7.90 2.13
N ASN A 14 3.61 7.98 0.99
CA ASN A 14 3.32 6.75 0.20
C ASN A 14 4.62 6.16 -0.34
N ARG A 15 5.56 6.99 -0.73
CA ARG A 15 6.84 6.48 -1.28
C ARG A 15 7.67 5.78 -0.18
N ASP A 16 7.27 5.89 1.06
CA ASP A 16 8.04 5.23 2.16
C ASP A 16 7.55 3.80 2.37
N CYS A 17 6.77 3.25 1.45
CA CYS A 17 6.27 1.86 1.62
C CYS A 17 6.87 0.94 0.54
N CYS A 18 6.39 -0.28 0.45
CA CYS A 18 6.93 -1.22 -0.58
C CYS A 18 5.87 -1.52 -1.63
N GLU A 19 6.19 -2.34 -2.60
CA GLU A 19 5.21 -2.69 -3.67
C GLU A 19 3.98 -3.37 -3.05
N LEU A 20 4.21 -4.34 -2.19
CA LEU A 20 3.05 -5.05 -1.55
C LEU A 20 2.14 -4.05 -0.84
N THR A 21 2.69 -2.94 -0.41
CA THR A 21 1.87 -1.91 0.26
C THR A 21 2.14 -0.55 -0.40
N PRO A 22 1.41 -0.25 -1.46
CA PRO A 22 1.57 1.02 -2.22
C PRO A 22 0.85 2.20 -1.53
N VAL A 23 0.34 2.02 -0.34
CA VAL A 23 -0.36 3.15 0.34
C VAL A 23 0.25 3.41 1.72
N CYS A 24 0.32 4.66 2.10
CA CYS A 24 0.89 5.03 3.43
C CYS A 24 -0.18 5.81 4.21
N LYS A 25 -0.92 5.14 5.04
CA LYS A 25 -2.00 5.82 5.82
C LYS A 25 -1.75 5.64 7.31
N ARG A 26 -2.05 6.66 8.10
CA ARG A 26 -1.85 6.58 9.58
C ARG A 26 -0.37 6.29 9.89
N GLY A 27 0.52 6.84 9.10
CA GLY A 27 1.97 6.62 9.35
C GLY A 27 2.30 5.13 9.25
N SER A 28 1.57 4.40 8.45
CA SER A 28 1.83 2.94 8.30
C SER A 28 1.63 2.54 6.84
N CYS A 29 2.08 1.36 6.47
CA CYS A 29 1.93 0.93 5.05
C CYS A 29 0.89 -0.18 4.94
N VAL A 30 0.08 -0.15 3.92
CA VAL A 30 -0.92 -1.23 3.73
C VAL A 30 -1.20 -1.40 2.24
N SER A 31 -2.06 -2.32 1.90
CA SER A 31 -2.37 -2.55 0.47
C SER A 31 -3.55 -1.67 0.05
N SER A 32 -3.33 -0.77 -0.87
CA SER A 32 -4.42 0.13 -1.34
C SER A 32 -5.54 -0.71 -1.96
N GLY A 33 -5.20 -1.81 -2.57
CA GLY A 33 -6.23 -2.69 -3.20
C GLY A 33 -6.13 -4.11 -2.59
N PRO A 34 -7.15 -4.91 -2.81
CA PRO A 34 -7.22 -6.32 -2.29
C PRO A 34 -6.54 -7.27 -3.27
N GLY A 35 -6.29 -8.49 -2.84
CA GLY A 35 -5.62 -9.48 -3.74
C GLY A 35 -5.70 -10.87 -3.11
N LEU A 36 -4.99 -11.08 -2.02
CA LEU A 36 -5.01 -12.41 -1.36
C LEU A 36 -5.91 -12.35 -0.12
N VAL A 37 -7.20 -12.47 -0.31
CA VAL A 37 -8.15 -12.42 0.86
C VAL A 37 -8.77 -13.79 1.08
N GLY A 38 -9.70 -13.89 1.98
CA GLY A 38 -10.35 -15.21 2.26
C GLY A 38 -11.51 -15.42 1.28
N GLY A 39 -11.22 -15.55 0.02
CA GLY A 39 -12.30 -15.75 -1.00
C GLY A 39 -12.71 -17.22 -1.01
N ILE A 40 -13.96 -17.50 -0.69
CA ILE A 40 -14.44 -18.92 -0.68
C ILE A 40 -14.91 -19.31 -2.08
N LEU A 41 -15.30 -18.34 -2.88
CA LEU A 41 -15.79 -18.64 -4.26
C LEU A 41 -15.30 -17.57 -5.23
N GLY A 42 -15.03 -17.94 -6.45
CA GLY A 42 -14.54 -16.93 -7.44
C GLY A 42 -14.80 -17.46 -8.86
N GLY A 43 -16.00 -17.27 -9.37
CA GLY A 43 -16.32 -17.76 -10.74
C GLY A 43 -16.12 -16.62 -11.75
N ILE A 44 -17.09 -16.40 -12.60
CA ILE A 44 -16.97 -15.31 -13.61
C ILE A 44 -17.50 -14.01 -13.01
N LEU A 45 -17.03 -12.89 -13.50
CA LEU A 45 -17.50 -11.58 -12.97
C LEU A 45 -17.27 -10.50 -14.02
N LEU A 1 16.50 -7.82 -6.43
CA LEU A 1 15.15 -7.37 -6.03
C LEU A 1 15.14 -5.85 -5.85
N LEU A 2 14.02 -5.23 -6.08
CA LEU A 2 13.94 -3.73 -5.93
C LEU A 2 12.48 -3.31 -5.89
N ALA A 3 11.88 -3.33 -4.72
CA ALA A 3 10.45 -2.92 -4.60
C ALA A 3 10.06 -2.84 -3.12
N CYS A 4 10.94 -2.33 -2.30
CA CYS A 4 10.65 -2.22 -0.84
C CYS A 4 11.83 -1.55 -0.14
N LEU A 5 11.75 -0.26 0.07
CA LEU A 5 12.86 0.46 0.74
C LEU A 5 12.94 0.04 2.21
N PHE A 6 11.82 -0.26 2.81
CA PHE A 6 11.83 -0.69 4.23
C PHE A 6 10.84 -1.86 4.43
N GLY A 7 9.57 -1.55 4.52
CA GLY A 7 8.56 -2.63 4.71
C GLY A 7 8.40 -2.93 6.20
N ASN A 8 8.62 -1.95 7.05
CA ASN A 8 8.47 -2.17 8.52
C ASN A 8 7.04 -1.84 8.97
N GLY A 9 6.13 -1.65 8.04
CA GLY A 9 4.73 -1.32 8.42
C GLY A 9 4.61 0.14 8.86
N ARG A 10 5.67 0.91 8.82
CA ARG A 10 5.59 2.34 9.23
C ARG A 10 6.15 3.22 8.10
N CYS A 11 5.48 4.29 7.82
CA CYS A 11 5.96 5.20 6.72
C CYS A 11 5.55 6.64 6.99
N SER A 12 6.13 7.56 6.28
CA SER A 12 5.78 9.01 6.43
C SER A 12 4.96 9.45 5.21
N SER A 13 5.13 8.77 4.10
CA SER A 13 4.38 9.11 2.86
C SER A 13 4.19 7.83 2.06
N ASN A 14 3.52 7.91 0.93
CA ASN A 14 3.30 6.69 0.10
C ASN A 14 4.64 6.14 -0.40
N ARG A 15 5.57 7.00 -0.73
CA ARG A 15 6.90 6.53 -1.23
C ARG A 15 7.69 5.83 -0.12
N ASP A 16 7.24 5.92 1.11
CA ASP A 16 7.98 5.24 2.22
C ASP A 16 7.47 3.81 2.42
N CYS A 17 6.74 3.28 1.46
CA CYS A 17 6.20 1.89 1.62
C CYS A 17 6.84 0.96 0.58
N CYS A 18 6.39 -0.27 0.49
CA CYS A 18 6.97 -1.22 -0.49
C CYS A 18 5.92 -1.57 -1.55
N GLU A 19 6.24 -2.47 -2.45
CA GLU A 19 5.29 -2.86 -3.52
C GLU A 19 4.06 -3.53 -2.89
N LEU A 20 4.28 -4.44 -1.97
CA LEU A 20 3.14 -5.14 -1.31
C LEU A 20 2.20 -4.12 -0.63
N THR A 21 2.68 -2.93 -0.36
CA THR A 21 1.83 -1.89 0.28
C THR A 21 2.03 -0.57 -0.48
N PRO A 22 1.26 -0.35 -1.52
CA PRO A 22 1.35 0.89 -2.35
C PRO A 22 0.70 2.10 -1.67
N VAL A 23 0.24 1.98 -0.44
CA VAL A 23 -0.39 3.16 0.23
C VAL A 23 0.24 3.41 1.60
N CYS A 24 0.31 4.66 2.01
CA CYS A 24 0.88 5.01 3.33
C CYS A 24 -0.17 5.81 4.11
N LYS A 25 -0.90 5.14 4.97
CA LYS A 25 -1.96 5.85 5.76
C LYS A 25 -1.78 5.56 7.25
N ARG A 26 -2.11 6.52 8.08
CA ARG A 26 -1.97 6.32 9.57
C ARG A 26 -0.51 6.04 9.92
N GLY A 27 0.42 6.63 9.19
CA GLY A 27 1.86 6.41 9.48
C GLY A 27 2.20 4.94 9.32
N SER A 28 1.50 4.24 8.47
CA SER A 28 1.78 2.78 8.27
C SER A 28 1.58 2.43 6.80
N CYS A 29 2.00 1.26 6.40
CA CYS A 29 1.85 0.87 4.95
C CYS A 29 0.78 -0.22 4.84
N VAL A 30 -0.07 -0.13 3.84
CA VAL A 30 -1.10 -1.18 3.65
C VAL A 30 -1.44 -1.29 2.16
N SER A 31 -2.44 -2.06 1.84
CA SER A 31 -2.84 -2.24 0.41
C SER A 31 -3.68 -1.05 -0.04
N SER A 32 -3.18 -0.30 -0.98
CA SER A 32 -3.93 0.90 -1.48
C SER A 32 -5.33 0.48 -1.96
N GLY A 33 -5.48 -0.74 -2.39
CA GLY A 33 -6.82 -1.21 -2.86
C GLY A 33 -7.49 -2.03 -1.75
N PRO A 34 -8.80 -1.93 -1.64
CA PRO A 34 -9.60 -2.67 -0.61
C PRO A 34 -9.94 -4.08 -1.11
N GLY A 35 -10.50 -4.90 -0.25
CA GLY A 35 -10.87 -6.28 -0.66
C GLY A 35 -12.37 -6.37 -0.86
N LEU A 36 -12.99 -5.29 -1.28
CA LEU A 36 -14.47 -5.30 -1.50
C LEU A 36 -14.81 -4.49 -2.75
N VAL A 37 -15.94 -4.74 -3.34
CA VAL A 37 -16.33 -3.98 -4.56
C VAL A 37 -17.01 -2.67 -4.15
N GLY A 38 -18.14 -2.75 -3.51
CA GLY A 38 -18.86 -1.51 -3.07
C GLY A 38 -19.23 -1.62 -1.59
N GLY A 39 -20.35 -1.07 -1.21
CA GLY A 39 -20.77 -1.14 0.22
C GLY A 39 -22.25 -1.53 0.29
N ILE A 40 -23.11 -0.77 -0.33
CA ILE A 40 -24.57 -1.09 -0.30
C ILE A 40 -25.12 -1.09 -1.73
N LEU A 41 -24.43 -1.72 -2.64
CA LEU A 41 -24.90 -1.77 -4.05
C LEU A 41 -26.25 -2.50 -4.12
N GLY A 42 -27.23 -1.89 -4.73
CA GLY A 42 -28.57 -2.53 -4.84
C GLY A 42 -29.66 -1.45 -4.72
N GLY A 43 -29.61 -0.45 -5.56
CA GLY A 43 -30.64 0.63 -5.50
C GLY A 43 -31.89 0.19 -6.25
N ILE A 44 -32.27 0.91 -7.27
CA ILE A 44 -33.50 0.54 -8.04
C ILE A 44 -33.25 -0.79 -8.78
N LEU A 45 -32.18 -0.87 -9.53
CA LEU A 45 -31.88 -2.12 -10.27
C LEU A 45 -31.22 -3.13 -9.33
N LEU A 1 16.79 -8.19 -7.13
CA LEU A 1 15.38 -7.92 -6.74
C LEU A 1 15.29 -6.59 -6.00
N LEU A 2 14.32 -5.78 -6.32
CA LEU A 2 14.18 -4.46 -5.63
C LEU A 2 12.72 -4.01 -5.71
N ALA A 3 12.08 -3.82 -4.59
CA ALA A 3 10.65 -3.38 -4.59
C ALA A 3 10.18 -3.19 -3.14
N CYS A 4 11.00 -2.62 -2.31
CA CYS A 4 10.61 -2.40 -0.88
C CYS A 4 11.74 -1.66 -0.17
N LEU A 5 11.63 -0.36 -0.06
CA LEU A 5 12.69 0.43 0.62
C LEU A 5 12.80 0.02 2.08
N PHE A 6 11.67 -0.27 2.70
CA PHE A 6 11.69 -0.70 4.13
C PHE A 6 10.67 -1.83 4.34
N GLY A 7 9.41 -1.49 4.42
CA GLY A 7 8.36 -2.53 4.64
C GLY A 7 8.25 -2.85 6.13
N ASN A 8 8.54 -1.90 6.97
CA ASN A 8 8.44 -2.14 8.45
C ASN A 8 7.03 -1.80 8.95
N GLY A 9 6.09 -1.58 8.07
CA GLY A 9 4.70 -1.25 8.50
C GLY A 9 4.60 0.23 8.93
N ARG A 10 5.68 0.98 8.88
CA ARG A 10 5.61 2.41 9.29
C ARG A 10 6.17 3.28 8.16
N CYS A 11 5.51 4.37 7.86
CA CYS A 11 5.99 5.27 6.77
C CYS A 11 5.59 6.73 7.04
N SER A 12 6.18 7.63 6.32
CA SER A 12 5.85 9.08 6.47
C SER A 12 5.02 9.52 5.26
N SER A 13 5.19 8.85 4.15
CA SER A 13 4.42 9.18 2.92
C SER A 13 4.21 7.90 2.12
N ASN A 14 3.57 7.97 0.98
CA ASN A 14 3.34 6.75 0.16
C ASN A 14 4.67 6.19 -0.34
N ARG A 15 5.59 7.05 -0.68
CA ARG A 15 6.92 6.57 -1.19
C ARG A 15 7.71 5.86 -0.08
N ASP A 16 7.27 5.95 1.15
CA ASP A 16 8.02 5.28 2.25
C ASP A 16 7.49 3.84 2.45
N CYS A 17 6.76 3.31 1.49
CA CYS A 17 6.24 1.92 1.64
C CYS A 17 6.86 1.01 0.58
N CYS A 18 6.37 -0.21 0.47
CA CYS A 18 6.93 -1.15 -0.55
C CYS A 18 5.88 -1.49 -1.60
N GLU A 19 6.23 -2.34 -2.54
CA GLU A 19 5.26 -2.71 -3.62
C GLU A 19 4.03 -3.40 -3.00
N LEU A 20 4.23 -4.37 -2.16
CA LEU A 20 3.08 -5.08 -1.53
C LEU A 20 2.15 -4.07 -0.83
N THR A 21 2.67 -2.93 -0.46
CA THR A 21 1.84 -1.90 0.21
C THR A 21 2.10 -0.54 -0.47
N PRO A 22 1.36 -0.26 -1.51
CA PRO A 22 1.50 1.01 -2.29
C PRO A 22 0.81 2.19 -1.60
N VAL A 23 0.31 2.02 -0.39
CA VAL A 23 -0.36 3.16 0.30
C VAL A 23 0.26 3.42 1.69
N CYS A 24 0.31 4.67 2.07
CA CYS A 24 0.88 5.03 3.40
C CYS A 24 -0.19 5.80 4.18
N LYS A 25 -0.93 5.12 5.01
CA LYS A 25 -2.01 5.80 5.79
C LYS A 25 -1.82 5.51 7.28
N ARG A 26 -2.21 6.43 8.13
CA ARG A 26 -2.07 6.23 9.60
C ARG A 26 -0.59 6.01 9.96
N GLY A 27 0.29 6.63 9.24
CA GLY A 27 1.75 6.46 9.52
C GLY A 27 2.16 4.99 9.36
N SER A 28 1.47 4.27 8.51
CA SER A 28 1.80 2.84 8.30
C SER A 28 1.62 2.48 6.83
N CYS A 29 2.06 1.32 6.42
CA CYS A 29 1.91 0.92 4.99
C CYS A 29 0.87 -0.20 4.87
N VAL A 30 0.04 -0.13 3.86
CA VAL A 30 -0.98 -1.20 3.66
C VAL A 30 -1.29 -1.32 2.17
N SER A 31 -2.24 -2.14 1.83
CA SER A 31 -2.61 -2.32 0.40
C SER A 31 -3.61 -1.24 -0.02
N SER A 32 -3.23 -0.45 -1.00
CA SER A 32 -4.14 0.64 -1.47
C SER A 32 -5.44 0.02 -2.03
N GLY A 33 -5.35 -1.15 -2.61
CA GLY A 33 -6.56 -1.81 -3.17
C GLY A 33 -7.00 -1.07 -4.44
N PRO A 34 -7.95 -1.64 -5.15
CA PRO A 34 -8.49 -1.06 -6.43
C PRO A 34 -9.61 -0.05 -6.12
N GLY A 35 -9.97 0.75 -7.09
CA GLY A 35 -11.05 1.75 -6.87
C GLY A 35 -11.95 1.82 -8.12
N LEU A 36 -11.42 2.33 -9.20
CA LEU A 36 -12.23 2.43 -10.46
C LEU A 36 -11.33 2.12 -11.66
N VAL A 37 -11.62 1.04 -12.34
CA VAL A 37 -10.79 0.66 -13.54
C VAL A 37 -10.89 1.76 -14.60
N GLY A 38 -10.15 1.63 -15.67
CA GLY A 38 -10.20 2.66 -16.75
C GLY A 38 -8.83 3.33 -16.87
N GLY A 39 -8.68 4.50 -16.31
CA GLY A 39 -7.37 5.22 -16.38
C GLY A 39 -7.35 6.34 -15.33
N ILE A 40 -6.19 6.63 -14.80
CA ILE A 40 -6.07 7.70 -13.78
C ILE A 40 -5.55 8.99 -14.42
N LEU A 41 -4.89 8.89 -15.55
CA LEU A 41 -4.36 10.10 -16.23
C LEU A 41 -5.45 10.72 -17.10
N GLY A 42 -5.35 12.01 -17.35
CA GLY A 42 -6.37 12.70 -18.19
C GLY A 42 -5.73 13.21 -19.47
N GLY A 43 -5.53 14.51 -19.57
CA GLY A 43 -4.90 15.08 -20.80
C GLY A 43 -4.24 16.42 -20.46
N ILE A 44 -3.83 16.59 -19.23
CA ILE A 44 -3.18 17.88 -18.84
C ILE A 44 -2.01 17.58 -17.89
N LEU A 45 -0.90 18.25 -18.07
CA LEU A 45 0.27 18.01 -17.17
C LEU A 45 0.43 19.19 -16.21
N LEU A 1 14.09 -7.11 -8.74
CA LEU A 1 14.56 -5.78 -8.27
C LEU A 1 14.11 -5.56 -6.83
N LEU A 2 14.47 -4.43 -6.25
CA LEU A 2 14.07 -4.15 -4.84
C LEU A 2 12.70 -3.47 -4.82
N ALA A 3 11.65 -4.21 -4.56
CA ALA A 3 10.29 -3.61 -4.53
C ALA A 3 9.87 -3.38 -3.08
N CYS A 4 10.75 -2.82 -2.28
CA CYS A 4 10.42 -2.56 -0.85
C CYS A 4 11.61 -1.84 -0.20
N LEU A 5 11.55 -0.54 -0.10
CA LEU A 5 12.66 0.23 0.51
C LEU A 5 12.68 0.00 2.02
N PHE A 6 11.55 -0.22 2.61
CA PHE A 6 11.50 -0.46 4.09
C PHE A 6 10.63 -1.69 4.40
N GLY A 7 9.33 -1.53 4.39
CA GLY A 7 8.43 -2.67 4.69
C GLY A 7 8.37 -2.91 6.20
N ASN A 8 8.58 -1.88 6.98
CA ASN A 8 8.54 -2.04 8.46
C ASN A 8 7.12 -1.72 9.00
N GLY A 9 6.16 -1.53 8.12
CA GLY A 9 4.77 -1.23 8.58
C GLY A 9 4.62 0.24 8.98
N ARG A 10 5.68 1.02 8.95
CA ARG A 10 5.58 2.46 9.33
C ARG A 10 6.14 3.33 8.21
N CYS A 11 5.50 4.42 7.92
CA CYS A 11 5.98 5.32 6.83
C CYS A 11 5.60 6.78 7.10
N SER A 12 6.20 7.68 6.38
CA SER A 12 5.88 9.13 6.53
C SER A 12 5.06 9.58 5.31
N SER A 13 5.26 8.93 4.20
CA SER A 13 4.50 9.27 2.96
C SER A 13 4.25 7.98 2.18
N ASN A 14 3.64 8.07 1.03
CA ASN A 14 3.36 6.85 0.22
C ASN A 14 4.68 6.26 -0.29
N ARG A 15 5.62 7.09 -0.63
CA ARG A 15 6.93 6.58 -1.15
C ARG A 15 7.71 5.88 -0.04
N ASP A 16 7.28 5.98 1.20
CA ASP A 16 8.02 5.29 2.31
C ASP A 16 7.49 3.86 2.50
N CYS A 17 6.76 3.33 1.54
CA CYS A 17 6.24 1.94 1.69
C CYS A 17 6.84 1.02 0.61
N CYS A 18 6.34 -0.18 0.48
CA CYS A 18 6.90 -1.13 -0.53
C CYS A 18 5.87 -1.42 -1.62
N GLU A 19 6.23 -2.23 -2.59
CA GLU A 19 5.27 -2.55 -3.70
C GLU A 19 4.02 -3.23 -3.13
N LEU A 20 4.19 -4.26 -2.34
CA LEU A 20 3.00 -4.97 -1.75
C LEU A 20 2.10 -3.97 -1.03
N THR A 21 2.65 -2.86 -0.60
CA THR A 21 1.84 -1.83 0.10
C THR A 21 2.18 -0.46 -0.51
N PRO A 22 1.50 -0.09 -1.57
CA PRO A 22 1.73 1.21 -2.26
C PRO A 22 0.99 2.37 -1.58
N VAL A 23 0.46 2.16 -0.39
CA VAL A 23 -0.25 3.29 0.30
C VAL A 23 0.32 3.52 1.70
N CYS A 24 0.36 4.76 2.11
CA CYS A 24 0.88 5.10 3.46
C CYS A 24 -0.21 5.85 4.23
N LYS A 25 -0.93 5.16 5.07
CA LYS A 25 -2.03 5.80 5.84
C LYS A 25 -1.85 5.52 7.33
N ARG A 26 -2.21 6.47 8.16
CA ARG A 26 -2.07 6.29 9.64
C ARG A 26 -0.60 6.04 10.00
N GLY A 27 0.31 6.66 9.29
CA GLY A 27 1.76 6.47 9.58
C GLY A 27 2.14 4.99 9.42
N SER A 28 1.42 4.28 8.58
CA SER A 28 1.73 2.84 8.37
C SER A 28 1.58 2.50 6.88
N CYS A 29 2.05 1.34 6.48
CA CYS A 29 1.94 0.96 5.04
C CYS A 29 0.92 -0.17 4.86
N VAL A 30 0.12 -0.11 3.83
CA VAL A 30 -0.86 -1.19 3.58
C VAL A 30 -1.10 -1.31 2.08
N SER A 31 -1.93 -2.23 1.68
CA SER A 31 -2.20 -2.43 0.24
C SER A 31 -3.45 -1.66 -0.17
N SER A 32 -3.32 -0.76 -1.10
CA SER A 32 -4.50 0.03 -1.56
C SER A 32 -5.42 -0.86 -2.39
N GLY A 33 -4.85 -1.60 -3.31
CA GLY A 33 -5.68 -2.49 -4.18
C GLY A 33 -4.81 -3.64 -4.70
N PRO A 34 -5.27 -4.32 -5.74
CA PRO A 34 -4.54 -5.47 -6.37
C PRO A 34 -3.54 -4.96 -7.41
N GLY A 35 -2.53 -5.74 -7.71
CA GLY A 35 -1.52 -5.32 -8.72
C GLY A 35 -0.51 -6.45 -8.93
N LEU A 36 0.10 -6.92 -7.88
CA LEU A 36 1.10 -8.03 -8.01
C LEU A 36 0.36 -9.33 -8.32
N VAL A 37 1.04 -10.25 -8.96
CA VAL A 37 0.39 -11.56 -9.29
C VAL A 37 0.80 -12.62 -8.26
N GLY A 38 0.42 -13.85 -8.48
CA GLY A 38 0.78 -14.93 -7.51
C GLY A 38 -0.37 -15.14 -6.53
N GLY A 39 -1.57 -15.27 -7.02
CA GLY A 39 -2.74 -15.47 -6.12
C GLY A 39 -3.00 -14.20 -5.32
N ILE A 40 -4.00 -14.21 -4.47
CA ILE A 40 -4.31 -13.00 -3.65
C ILE A 40 -4.51 -13.40 -2.19
N LEU A 41 -3.67 -14.28 -1.69
CA LEU A 41 -3.80 -14.73 -0.27
C LEU A 41 -2.85 -13.92 0.61
N GLY A 42 -2.71 -12.64 0.34
CA GLY A 42 -1.80 -11.80 1.16
C GLY A 42 -0.36 -11.95 0.65
N GLY A 43 0.16 -13.14 0.72
CA GLY A 43 1.56 -13.38 0.24
C GLY A 43 2.07 -14.71 0.77
N ILE A 44 2.22 -15.69 -0.08
CA ILE A 44 2.71 -17.02 0.37
C ILE A 44 4.14 -16.88 0.91
N LEU A 45 4.58 -17.80 1.74
CA LEU A 45 5.96 -17.72 2.31
C LEU A 45 6.12 -16.43 3.10
N LEU A 1 15.77 0.09 -9.49
CA LEU A 1 15.46 0.23 -8.04
C LEU A 1 14.86 -1.07 -7.51
N LEU A 2 14.44 -1.09 -6.28
CA LEU A 2 13.83 -2.32 -5.70
C LEU A 2 12.32 -2.12 -5.56
N ALA A 3 11.68 -2.90 -4.74
CA ALA A 3 10.21 -2.77 -4.56
C ALA A 3 9.88 -2.74 -3.07
N CYS A 4 10.76 -2.20 -2.27
CA CYS A 4 10.52 -2.14 -0.80
C CYS A 4 11.69 -1.41 -0.13
N LEU A 5 11.53 -0.14 0.12
CA LEU A 5 12.65 0.65 0.74
C LEU A 5 12.70 0.34 2.24
N PHE A 6 11.59 0.00 2.84
CA PHE A 6 11.59 -0.31 4.30
C PHE A 6 10.71 -1.53 4.58
N GLY A 7 9.42 -1.37 4.53
CA GLY A 7 8.51 -2.52 4.80
C GLY A 7 8.50 -2.82 6.30
N ASN A 8 8.76 -1.83 7.11
CA ASN A 8 8.76 -2.05 8.59
C ASN A 8 7.35 -1.83 9.18
N GLY A 9 6.36 -1.63 8.35
CA GLY A 9 4.98 -1.43 8.85
C GLY A 9 4.70 0.06 9.09
N ARG A 10 5.72 0.88 9.17
CA ARG A 10 5.50 2.34 9.40
C ARG A 10 6.10 3.16 8.26
N CYS A 11 5.49 4.26 7.92
CA CYS A 11 6.02 5.11 6.82
C CYS A 11 5.66 6.58 7.04
N SER A 12 6.19 7.44 6.21
CA SER A 12 5.89 8.90 6.32
C SER A 12 5.31 9.41 4.99
N SER A 13 5.07 8.52 4.05
CA SER A 13 4.52 8.93 2.72
C SER A 13 4.30 7.67 1.89
N ASN A 14 3.62 7.78 0.78
CA ASN A 14 3.37 6.57 -0.07
C ASN A 14 4.71 5.99 -0.55
N ARG A 15 5.64 6.84 -0.90
CA ARG A 15 6.97 6.34 -1.38
C ARG A 15 7.75 5.68 -0.24
N ASP A 16 7.30 5.82 0.98
CA ASP A 16 8.02 5.18 2.13
C ASP A 16 7.49 3.75 2.37
N CYS A 17 6.77 3.19 1.43
CA CYS A 17 6.24 1.82 1.62
C CYS A 17 6.84 0.87 0.59
N CYS A 18 6.35 -0.34 0.50
CA CYS A 18 6.91 -1.32 -0.48
C CYS A 18 5.86 -1.65 -1.55
N GLU A 19 6.19 -2.52 -2.47
CA GLU A 19 5.22 -2.90 -3.54
C GLU A 19 3.97 -3.54 -2.93
N LEU A 20 4.15 -4.49 -2.04
CA LEU A 20 2.97 -5.16 -1.40
C LEU A 20 2.06 -4.11 -0.75
N THR A 21 2.60 -2.97 -0.41
CA THR A 21 1.77 -1.90 0.22
C THR A 21 2.07 -0.57 -0.48
N PRO A 22 1.34 -0.29 -1.54
CA PRO A 22 1.52 0.97 -2.33
C PRO A 22 0.86 2.18 -1.65
N VAL A 23 0.35 2.03 -0.45
CA VAL A 23 -0.29 3.21 0.22
C VAL A 23 0.32 3.44 1.61
N CYS A 24 0.40 4.68 2.02
CA CYS A 24 0.97 5.02 3.36
C CYS A 24 -0.07 5.85 4.12
N LYS A 25 -0.82 5.21 4.97
CA LYS A 25 -1.87 5.95 5.76
C LYS A 25 -1.74 5.61 7.23
N ARG A 26 -2.07 6.54 8.10
CA ARG A 26 -1.99 6.29 9.57
C ARG A 26 -0.55 5.95 9.95
N GLY A 27 0.41 6.53 9.28
CA GLY A 27 1.85 6.25 9.59
C GLY A 27 2.14 4.76 9.41
N SER A 28 1.39 4.08 8.57
CA SER A 28 1.62 2.63 8.35
C SER A 28 1.40 2.29 6.87
N CYS A 29 1.99 1.23 6.40
CA CYS A 29 1.81 0.86 4.96
C CYS A 29 0.74 -0.21 4.81
N VAL A 30 -0.08 -0.11 3.80
CA VAL A 30 -1.12 -1.13 3.59
C VAL A 30 -1.42 -1.23 2.08
N SER A 31 -2.42 -1.99 1.73
CA SER A 31 -2.78 -2.17 0.30
C SER A 31 -3.66 -1.01 -0.17
N SER A 32 -3.21 -0.27 -1.14
CA SER A 32 -4.01 0.89 -1.65
C SER A 32 -5.32 0.37 -2.25
N GLY A 33 -5.26 -0.74 -2.94
CA GLY A 33 -6.49 -1.31 -3.56
C GLY A 33 -6.95 -0.40 -4.72
N PRO A 34 -6.18 -0.37 -5.78
CA PRO A 34 -6.48 0.45 -7.00
C PRO A 34 -7.36 -0.33 -7.97
N GLY A 35 -8.65 -0.07 -7.97
CA GLY A 35 -9.57 -0.79 -8.88
C GLY A 35 -9.62 -2.27 -8.48
N LEU A 36 -10.49 -2.61 -7.55
CA LEU A 36 -10.60 -4.03 -7.11
C LEU A 36 -11.12 -4.89 -8.26
N VAL A 37 -10.23 -5.48 -9.02
CA VAL A 37 -10.66 -6.33 -10.16
C VAL A 37 -10.35 -7.80 -9.86
N GLY A 38 -10.56 -8.68 -10.81
CA GLY A 38 -10.29 -10.12 -10.58
C GLY A 38 -8.79 -10.32 -10.33
N GLY A 39 -8.38 -11.55 -10.11
CA GLY A 39 -6.94 -11.82 -9.86
C GLY A 39 -6.69 -13.33 -9.89
N ILE A 40 -5.91 -13.84 -8.98
CA ILE A 40 -5.62 -15.30 -8.95
C ILE A 40 -6.70 -16.04 -8.15
N LEU A 41 -7.36 -15.35 -7.27
CA LEU A 41 -8.42 -16.00 -6.44
C LEU A 41 -9.74 -15.27 -6.66
N GLY A 42 -10.46 -15.61 -7.70
CA GLY A 42 -11.77 -14.94 -7.98
C GLY A 42 -12.86 -15.58 -7.10
N GLY A 43 -12.90 -16.88 -7.05
CA GLY A 43 -13.93 -17.57 -6.22
C GLY A 43 -14.70 -18.58 -7.09
N ILE A 44 -14.39 -19.84 -6.94
CA ILE A 44 -15.09 -20.88 -7.76
C ILE A 44 -15.49 -22.04 -6.86
N LEU A 45 -16.74 -22.13 -6.48
CA LEU A 45 -17.21 -23.24 -5.61
C LEU A 45 -18.50 -23.83 -6.18
N LEU A 1 14.45 -5.62 -8.95
CA LEU A 1 14.70 -4.21 -8.54
C LEU A 1 14.32 -4.05 -7.06
N LEU A 2 14.62 -2.92 -6.48
CA LEU A 2 14.29 -2.69 -5.05
C LEU A 2 12.85 -2.18 -4.93
N ALA A 3 11.90 -3.09 -4.84
CA ALA A 3 10.47 -2.66 -4.72
C ALA A 3 10.06 -2.67 -3.25
N CYS A 4 10.91 -2.18 -2.39
CA CYS A 4 10.59 -2.14 -0.92
C CYS A 4 11.73 -1.45 -0.20
N LEU A 5 11.59 -0.18 0.07
CA LEU A 5 12.66 0.57 0.79
C LEU A 5 12.71 0.14 2.25
N PHE A 6 11.58 -0.21 2.81
CA PHE A 6 11.55 -0.64 4.23
C PHE A 6 10.51 -1.75 4.42
N GLY A 7 9.26 -1.41 4.46
CA GLY A 7 8.19 -2.43 4.65
C GLY A 7 8.13 -2.82 6.13
N ASN A 8 8.45 -1.91 7.00
CA ASN A 8 8.41 -2.21 8.47
C ASN A 8 7.02 -1.89 9.04
N GLY A 9 6.05 -1.62 8.20
CA GLY A 9 4.69 -1.32 8.69
C GLY A 9 4.54 0.18 9.04
N ARG A 10 5.63 0.93 9.02
CA ARG A 10 5.53 2.38 9.35
C ARG A 10 6.13 3.21 8.21
N CYS A 11 5.51 4.32 7.90
CA CYS A 11 6.03 5.19 6.80
C CYS A 11 5.69 6.65 7.06
N SER A 12 6.29 7.53 6.29
CA SER A 12 6.01 8.98 6.43
C SER A 12 5.19 9.44 5.23
N SER A 13 5.35 8.77 4.12
CA SER A 13 4.59 9.13 2.89
C SER A 13 4.32 7.83 2.11
N ASN A 14 3.64 7.92 0.99
CA ASN A 14 3.33 6.69 0.20
C ASN A 14 4.65 6.07 -0.32
N ARG A 15 5.59 6.89 -0.71
CA ARG A 15 6.88 6.36 -1.24
C ARG A 15 7.68 5.67 -0.13
N ASP A 16 7.28 5.79 1.11
CA ASP A 16 8.04 5.12 2.21
C ASP A 16 7.53 3.69 2.42
N CYS A 17 6.75 3.15 1.49
CA CYS A 17 6.24 1.76 1.67
C CYS A 17 6.84 0.84 0.60
N CYS A 18 6.33 -0.36 0.46
CA CYS A 18 6.90 -1.30 -0.56
C CYS A 18 5.83 -1.64 -1.61
N GLU A 19 6.15 -2.51 -2.54
CA GLU A 19 5.18 -2.89 -3.61
C GLU A 19 3.93 -3.50 -2.99
N LEU A 20 4.08 -4.48 -2.14
CA LEU A 20 2.88 -5.13 -1.50
C LEU A 20 2.00 -4.07 -0.82
N THR A 21 2.58 -2.95 -0.46
CA THR A 21 1.80 -1.87 0.20
C THR A 21 2.17 -0.54 -0.46
N PRO A 22 1.46 -0.18 -1.51
CA PRO A 22 1.70 1.09 -2.26
C PRO A 22 1.01 2.28 -1.59
N VAL A 23 0.47 2.11 -0.40
CA VAL A 23 -0.20 3.27 0.26
C VAL A 23 0.37 3.50 1.67
N CYS A 24 0.43 4.74 2.08
CA CYS A 24 0.95 5.08 3.43
C CYS A 24 -0.13 5.85 4.19
N LYS A 25 -0.89 5.17 5.00
CA LYS A 25 -1.98 5.85 5.77
C LYS A 25 -1.79 5.64 7.27
N ARG A 26 -2.07 6.64 8.05
CA ARG A 26 -1.92 6.53 9.54
C ARG A 26 -0.46 6.21 9.89
N GLY A 27 0.47 6.77 9.16
CA GLY A 27 1.91 6.51 9.44
C GLY A 27 2.21 5.01 9.32
N SER A 28 1.48 4.32 8.50
CA SER A 28 1.70 2.86 8.32
C SER A 28 1.55 2.49 6.85
N CYS A 29 2.00 1.32 6.47
CA CYS A 29 1.89 0.91 5.03
C CYS A 29 0.83 -0.18 4.87
N VAL A 30 0.05 -0.11 3.83
CA VAL A 30 -0.97 -1.15 3.60
C VAL A 30 -1.21 -1.30 2.09
N SER A 31 -2.05 -2.22 1.72
CA SER A 31 -2.34 -2.44 0.27
C SER A 31 -3.57 -1.63 -0.13
N SER A 32 -3.36 -0.59 -0.90
CA SER A 32 -4.51 0.25 -1.35
C SER A 32 -5.38 -0.54 -2.34
N GLY A 33 -4.75 -1.24 -3.25
CA GLY A 33 -5.54 -2.04 -4.25
C GLY A 33 -4.60 -2.54 -5.36
N PRO A 34 -4.05 -3.72 -5.18
CA PRO A 34 -3.11 -4.35 -6.17
C PRO A 34 -3.90 -5.09 -7.26
N GLY A 35 -4.32 -4.38 -8.29
CA GLY A 35 -5.09 -5.02 -9.39
C GLY A 35 -5.72 -3.94 -10.26
N LEU A 36 -6.10 -2.84 -9.67
CA LEU A 36 -6.74 -1.74 -10.46
C LEU A 36 -5.78 -0.54 -10.52
N VAL A 37 -4.76 -0.64 -11.35
CA VAL A 37 -3.79 0.48 -11.46
C VAL A 37 -3.87 1.08 -12.87
N GLY A 38 -3.13 2.13 -13.11
CA GLY A 38 -3.15 2.78 -14.45
C GLY A 38 -4.04 4.02 -14.42
N GLY A 39 -5.26 3.91 -14.89
CA GLY A 39 -6.18 5.08 -14.88
C GLY A 39 -6.49 5.47 -13.44
N ILE A 40 -7.38 6.41 -13.25
CA ILE A 40 -7.74 6.85 -11.87
C ILE A 40 -8.96 6.07 -11.36
N LEU A 41 -9.70 5.46 -12.24
CA LEU A 41 -10.91 4.69 -11.81
C LEU A 41 -10.48 3.53 -10.91
N GLY A 42 -10.94 3.53 -9.68
CA GLY A 42 -10.56 2.44 -8.73
C GLY A 42 -9.92 3.05 -7.48
N GLY A 43 -10.52 4.07 -6.93
CA GLY A 43 -9.95 4.72 -5.72
C GLY A 43 -10.99 5.68 -5.11
N ILE A 44 -11.34 5.47 -3.87
CA ILE A 44 -12.34 6.37 -3.21
C ILE A 44 -13.67 6.32 -3.99
N LEU A 45 -14.60 5.53 -3.52
CA LEU A 45 -15.92 5.43 -4.22
C LEU A 45 -17.03 5.25 -3.20
N LEU A 1 15.68 -7.08 -8.27
CA LEU A 1 15.29 -5.67 -8.00
C LEU A 1 14.77 -5.54 -6.57
N LEU A 2 14.86 -4.37 -5.99
CA LEU A 2 14.38 -4.17 -4.60
C LEU A 2 13.04 -3.43 -4.63
N ALA A 3 11.95 -4.15 -4.52
CA ALA A 3 10.61 -3.50 -4.54
C ALA A 3 10.13 -3.29 -3.10
N CYS A 4 10.97 -2.70 -2.27
CA CYS A 4 10.58 -2.45 -0.85
C CYS A 4 11.71 -1.72 -0.15
N LEU A 5 11.61 -0.42 -0.05
CA LEU A 5 12.68 0.38 0.61
C LEU A 5 12.75 0.02 2.09
N PHE A 6 11.63 -0.24 2.69
CA PHE A 6 11.62 -0.60 4.14
C PHE A 6 10.64 -1.75 4.40
N GLY A 7 9.37 -1.46 4.40
CA GLY A 7 8.36 -2.53 4.65
C GLY A 7 8.29 -2.84 6.15
N ASN A 8 8.59 -1.87 6.98
CA ASN A 8 8.55 -2.10 8.45
C ASN A 8 7.15 -1.79 9.01
N GLY A 9 6.18 -1.56 8.15
CA GLY A 9 4.80 -1.26 8.63
C GLY A 9 4.64 0.22 8.99
N ARG A 10 5.71 0.99 8.97
CA ARG A 10 5.60 2.44 9.32
C ARG A 10 6.16 3.29 8.19
N CYS A 11 5.49 4.38 7.89
CA CYS A 11 5.97 5.27 6.78
C CYS A 11 5.58 6.72 7.05
N SER A 12 6.16 7.62 6.32
CA SER A 12 5.82 9.07 6.48
C SER A 12 4.97 9.51 5.27
N SER A 13 5.14 8.84 4.16
CA SER A 13 4.38 9.17 2.93
C SER A 13 4.17 7.88 2.12
N ASN A 14 3.54 7.97 0.99
CA ASN A 14 3.31 6.74 0.16
C ASN A 14 4.65 6.20 -0.34
N ARG A 15 5.57 7.07 -0.68
CA ARG A 15 6.89 6.61 -1.19
C ARG A 15 7.69 5.91 -0.08
N ASP A 16 7.25 5.98 1.15
CA ASP A 16 7.99 5.31 2.25
C ASP A 16 7.48 3.87 2.44
N CYS A 17 6.75 3.33 1.48
CA CYS A 17 6.23 1.94 1.63
C CYS A 17 6.86 1.03 0.57
N CYS A 18 6.37 -0.19 0.45
CA CYS A 18 6.95 -1.13 -0.54
C CYS A 18 5.90 -1.47 -1.62
N GLU A 19 6.26 -2.32 -2.56
CA GLU A 19 5.31 -2.69 -3.65
C GLU A 19 4.07 -3.36 -3.06
N LEU A 20 4.26 -4.34 -2.21
CA LEU A 20 3.09 -5.05 -1.59
C LEU A 20 2.16 -4.04 -0.91
N THR A 21 2.68 -2.90 -0.53
CA THR A 21 1.84 -1.86 0.15
C THR A 21 2.11 -0.52 -0.52
N PRO A 22 1.38 -0.22 -1.57
CA PRO A 22 1.52 1.07 -2.32
C PRO A 22 0.81 2.24 -1.62
N VAL A 23 0.33 2.05 -0.41
CA VAL A 23 -0.37 3.17 0.29
C VAL A 23 0.25 3.42 1.67
N CYS A 24 0.30 4.66 2.08
CA CYS A 24 0.86 5.01 3.41
C CYS A 24 -0.20 5.78 4.20
N LYS A 25 -0.95 5.10 5.04
CA LYS A 25 -2.01 5.77 5.82
C LYS A 25 -1.82 5.50 7.31
N ARG A 26 -2.18 6.44 8.15
CA ARG A 26 -2.03 6.25 9.62
C ARG A 26 -0.55 6.01 9.97
N GLY A 27 0.34 6.62 9.23
CA GLY A 27 1.79 6.44 9.51
C GLY A 27 2.17 4.97 9.36
N SER A 28 1.48 4.26 8.50
CA SER A 28 1.78 2.81 8.30
C SER A 28 1.61 2.46 6.82
N CYS A 29 2.08 1.30 6.41
CA CYS A 29 1.93 0.91 4.98
C CYS A 29 0.90 -0.22 4.85
N VAL A 30 0.06 -0.14 3.84
CA VAL A 30 -0.94 -1.22 3.63
C VAL A 30 -1.24 -1.32 2.13
N SER A 31 -2.20 -2.13 1.77
CA SER A 31 -2.58 -2.29 0.35
C SER A 31 -3.58 -1.21 -0.05
N SER A 32 -3.24 -0.43 -1.05
CA SER A 32 -4.16 0.65 -1.51
C SER A 32 -5.47 0.03 -1.99
N GLY A 33 -5.41 -1.16 -2.54
CA GLY A 33 -6.64 -1.84 -3.04
C GLY A 33 -6.70 -3.27 -2.50
N PRO A 34 -7.02 -3.42 -1.23
CA PRO A 34 -7.11 -4.75 -0.55
C PRO A 34 -8.52 -5.33 -0.70
N GLY A 35 -9.00 -5.44 -1.92
CA GLY A 35 -10.36 -6.01 -2.14
C GLY A 35 -11.16 -5.07 -3.06
N LEU A 36 -10.58 -4.70 -4.18
CA LEU A 36 -11.29 -3.79 -5.12
C LEU A 36 -10.60 -3.85 -6.50
N VAL A 37 -10.92 -4.84 -7.28
CA VAL A 37 -10.29 -4.97 -8.63
C VAL A 37 -11.37 -5.26 -9.67
N GLY A 38 -12.02 -6.40 -9.57
CA GLY A 38 -13.08 -6.75 -10.55
C GLY A 38 -13.86 -7.96 -10.05
N GLY A 39 -15.15 -7.98 -10.28
CA GLY A 39 -15.98 -9.14 -9.82
C GLY A 39 -17.17 -8.63 -9.02
N ILE A 40 -17.95 -7.74 -9.60
CA ILE A 40 -19.13 -7.19 -8.89
C ILE A 40 -20.31 -8.16 -9.00
N LEU A 41 -20.33 -8.94 -10.06
CA LEU A 41 -21.45 -9.91 -10.26
C LEU A 41 -21.00 -11.30 -9.77
N GLY A 42 -21.87 -12.28 -9.89
CA GLY A 42 -21.50 -13.66 -9.45
C GLY A 42 -20.72 -14.36 -10.56
N GLY A 43 -21.32 -14.52 -11.72
CA GLY A 43 -20.62 -15.19 -12.84
C GLY A 43 -21.21 -16.59 -13.05
N ILE A 44 -22.16 -16.71 -13.94
CA ILE A 44 -22.78 -18.04 -14.19
C ILE A 44 -22.78 -18.33 -15.70
N LEU A 45 -23.36 -17.44 -16.47
CA LEU A 45 -23.40 -17.65 -17.96
C LEU A 45 -22.37 -16.74 -18.62
N LEU A 1 12.73 -8.85 -6.34
CA LEU A 1 13.59 -7.72 -6.81
C LEU A 1 13.62 -6.63 -5.73
N LEU A 2 14.28 -5.53 -6.02
CA LEU A 2 14.35 -4.42 -5.03
C LEU A 2 13.07 -3.59 -5.08
N ALA A 3 12.00 -4.10 -4.52
CA ALA A 3 10.71 -3.35 -4.54
C ALA A 3 10.21 -3.16 -3.10
N CYS A 4 11.03 -2.59 -2.25
CA CYS A 4 10.63 -2.37 -0.83
C CYS A 4 11.77 -1.63 -0.12
N LEU A 5 11.65 -0.34 -0.01
CA LEU A 5 12.72 0.46 0.67
C LEU A 5 12.79 0.07 2.15
N PHE A 6 11.65 -0.22 2.74
CA PHE A 6 11.64 -0.61 4.18
C PHE A 6 10.65 -1.76 4.40
N GLY A 7 9.38 -1.46 4.44
CA GLY A 7 8.36 -2.52 4.64
C GLY A 7 8.25 -2.87 6.13
N ASN A 8 8.55 -1.92 6.99
CA ASN A 8 8.45 -2.18 8.45
C ASN A 8 7.05 -1.83 8.98
N GLY A 9 6.11 -1.59 8.09
CA GLY A 9 4.72 -1.25 8.54
C GLY A 9 4.61 0.21 8.95
N ARG A 10 5.70 0.97 8.93
CA ARG A 10 5.64 2.40 9.32
C ARG A 10 6.19 3.27 8.20
N CYS A 11 5.52 4.35 7.89
CA CYS A 11 6.01 5.25 6.79
C CYS A 11 5.59 6.69 7.04
N SER A 12 6.15 7.60 6.29
CA SER A 12 5.79 9.04 6.44
C SER A 12 5.05 9.51 5.17
N SER A 13 5.04 8.71 4.13
CA SER A 13 4.34 9.07 2.88
C SER A 13 4.17 7.80 2.04
N ASN A 14 3.49 7.88 0.93
CA ASN A 14 3.28 6.67 0.08
C ASN A 14 4.64 6.16 -0.42
N ARG A 15 5.55 7.04 -0.73
CA ARG A 15 6.89 6.61 -1.23
C ARG A 15 7.69 5.92 -0.13
N ASP A 16 7.24 5.98 1.11
CA ASP A 16 7.98 5.31 2.22
C ASP A 16 7.47 3.88 2.40
N CYS A 17 6.75 3.34 1.44
CA CYS A 17 6.23 1.95 1.59
C CYS A 17 6.86 1.03 0.54
N CYS A 18 6.39 -0.19 0.44
CA CYS A 18 6.96 -1.13 -0.57
C CYS A 18 5.90 -1.47 -1.62
N GLU A 19 6.24 -2.34 -2.55
CA GLU A 19 5.27 -2.71 -3.63
C GLU A 19 4.05 -3.40 -3.01
N LEU A 20 4.26 -4.35 -2.13
CA LEU A 20 3.11 -5.06 -1.49
C LEU A 20 2.18 -4.06 -0.81
N THR A 21 2.69 -2.91 -0.45
CA THR A 21 1.84 -1.87 0.21
C THR A 21 2.07 -0.53 -0.49
N PRO A 22 1.32 -0.27 -1.53
CA PRO A 22 1.43 1.00 -2.32
C PRO A 22 0.75 2.18 -1.62
N VAL A 23 0.27 2.01 -0.39
CA VAL A 23 -0.38 3.17 0.30
C VAL A 23 0.26 3.42 1.67
N CYS A 24 0.32 4.66 2.08
CA CYS A 24 0.92 5.01 3.40
C CYS A 24 -0.14 5.80 4.19
N LYS A 25 -0.89 5.13 5.02
CA LYS A 25 -1.94 5.83 5.81
C LYS A 25 -1.77 5.50 7.30
N ARG A 26 -2.17 6.41 8.16
CA ARG A 26 -2.04 6.17 9.63
C ARG A 26 -0.56 5.96 9.99
N GLY A 27 0.33 6.58 9.26
CA GLY A 27 1.78 6.42 9.55
C GLY A 27 2.19 4.96 9.37
N SER A 28 1.52 4.25 8.50
CA SER A 28 1.87 2.81 8.28
C SER A 28 1.65 2.45 6.81
N CYS A 29 2.10 1.30 6.39
CA CYS A 29 1.91 0.89 4.97
C CYS A 29 0.87 -0.22 4.84
N VAL A 30 0.03 -0.15 3.85
CA VAL A 30 -0.98 -1.21 3.65
C VAL A 30 -1.32 -1.31 2.16
N SER A 31 -2.31 -2.09 1.83
CA SER A 31 -2.70 -2.26 0.41
C SER A 31 -3.61 -1.12 -0.03
N SER A 32 -3.20 -0.37 -1.02
CA SER A 32 -4.02 0.79 -1.49
C SER A 32 -5.39 0.28 -1.97
N GLY A 33 -5.45 -0.95 -2.43
CA GLY A 33 -6.75 -1.51 -2.90
C GLY A 33 -6.70 -1.70 -4.42
N PRO A 34 -7.81 -2.14 -5.00
CA PRO A 34 -7.93 -2.38 -6.47
C PRO A 34 -8.33 -1.10 -7.19
N GLY A 35 -7.77 -0.86 -8.35
CA GLY A 35 -8.12 0.37 -9.13
C GLY A 35 -7.51 0.29 -10.52
N LEU A 36 -6.21 0.20 -10.61
CA LEU A 36 -5.55 0.11 -11.94
C LEU A 36 -5.72 -1.30 -12.50
N VAL A 37 -5.32 -1.51 -13.73
CA VAL A 37 -5.46 -2.86 -14.37
C VAL A 37 -6.93 -3.22 -14.56
N GLY A 38 -7.63 -3.50 -13.49
CA GLY A 38 -9.08 -3.85 -13.61
C GLY A 38 -9.91 -2.89 -12.76
N GLY A 39 -11.21 -3.05 -12.76
CA GLY A 39 -12.08 -2.16 -11.95
C GLY A 39 -13.01 -2.99 -11.06
N ILE A 40 -13.34 -2.51 -9.90
CA ILE A 40 -14.23 -3.26 -8.99
C ILE A 40 -15.64 -3.36 -9.59
N LEU A 41 -15.99 -2.43 -10.45
CA LEU A 41 -17.34 -2.45 -11.08
C LEU A 41 -17.21 -2.93 -12.53
N GLY A 42 -18.31 -3.34 -13.13
CA GLY A 42 -18.26 -3.82 -14.54
C GLY A 42 -18.96 -5.17 -14.64
N GLY A 43 -20.27 -5.17 -14.60
CA GLY A 43 -21.02 -6.46 -14.69
C GLY A 43 -22.47 -6.24 -14.28
N ILE A 44 -23.39 -6.35 -15.20
CA ILE A 44 -24.83 -6.14 -14.87
C ILE A 44 -25.51 -7.50 -14.67
N LEU A 45 -25.37 -8.07 -13.50
CA LEU A 45 -26.00 -9.39 -13.22
C LEU A 45 -26.54 -9.41 -11.78
N LEU A 1 17.17 -4.59 -8.42
CA LEU A 1 15.72 -4.31 -8.24
C LEU A 1 15.42 -4.05 -6.77
N LEU A 2 14.43 -3.24 -6.48
CA LEU A 2 14.09 -2.94 -5.06
C LEU A 2 12.62 -2.53 -4.97
N ALA A 3 11.76 -3.44 -4.61
CA ALA A 3 10.31 -3.11 -4.51
C ALA A 3 9.91 -3.00 -3.04
N CYS A 4 10.78 -2.47 -2.22
CA CYS A 4 10.48 -2.32 -0.77
C CYS A 4 11.65 -1.62 -0.08
N LEU A 5 11.58 -0.33 0.07
CA LEU A 5 12.69 0.43 0.72
C LEU A 5 12.62 0.24 2.24
N PHE A 6 11.45 -0.01 2.77
CA PHE A 6 11.32 -0.20 4.24
C PHE A 6 10.72 -1.58 4.55
N GLY A 7 9.42 -1.70 4.46
CA GLY A 7 8.76 -3.01 4.75
C GLY A 7 8.61 -3.19 6.26
N ASN A 8 8.48 -2.12 6.99
CA ASN A 8 8.33 -2.22 8.47
C ASN A 8 6.91 -1.81 8.89
N GLY A 9 6.01 -1.65 7.95
CA GLY A 9 4.61 -1.25 8.31
C GLY A 9 4.56 0.20 8.81
N ARG A 10 5.64 0.94 8.71
CA ARG A 10 5.63 2.35 9.18
C ARG A 10 6.18 3.24 8.07
N CYS A 11 5.55 4.36 7.81
CA CYS A 11 6.03 5.27 6.72
C CYS A 11 5.66 6.72 7.02
N SER A 12 6.28 7.61 6.31
CA SER A 12 5.97 9.07 6.48
C SER A 12 5.14 9.53 5.28
N SER A 13 5.32 8.89 4.15
CA SER A 13 4.57 9.23 2.92
C SER A 13 4.29 7.94 2.14
N ASN A 14 3.69 8.04 0.98
CA ASN A 14 3.41 6.80 0.18
C ASN A 14 4.73 6.22 -0.34
N ARG A 15 5.67 7.04 -0.69
CA ARG A 15 6.98 6.53 -1.20
C ARG A 15 7.76 5.82 -0.10
N ASP A 16 7.33 5.92 1.14
CA ASP A 16 8.06 5.24 2.25
C ASP A 16 7.51 3.81 2.44
N CYS A 17 6.77 3.28 1.49
CA CYS A 17 6.21 1.90 1.65
C CYS A 17 6.83 0.96 0.62
N CYS A 18 6.32 -0.24 0.52
CA CYS A 18 6.88 -1.22 -0.47
C CYS A 18 5.85 -1.54 -1.56
N GLU A 19 6.20 -2.39 -2.48
CA GLU A 19 5.26 -2.75 -3.59
C GLU A 19 3.99 -3.39 -3.01
N LEU A 20 4.15 -4.39 -2.16
CA LEU A 20 2.96 -5.07 -1.56
C LEU A 20 2.04 -4.03 -0.89
N THR A 21 2.59 -2.90 -0.51
CA THR A 21 1.77 -1.85 0.14
C THR A 21 2.09 -0.50 -0.52
N PRO A 22 1.37 -0.16 -1.56
CA PRO A 22 1.58 1.12 -2.30
C PRO A 22 0.88 2.29 -1.62
N VAL A 23 0.36 2.12 -0.42
CA VAL A 23 -0.32 3.26 0.26
C VAL A 23 0.27 3.49 1.65
N CYS A 24 0.33 4.74 2.05
CA CYS A 24 0.89 5.08 3.40
C CYS A 24 -0.19 5.85 4.17
N LYS A 25 -0.91 5.17 5.03
CA LYS A 25 -1.98 5.85 5.82
C LYS A 25 -1.78 5.57 7.31
N ARG A 26 -2.11 6.53 8.14
CA ARG A 26 -1.95 6.36 9.62
C ARG A 26 -0.48 6.09 9.95
N GLY A 27 0.42 6.69 9.24
CA GLY A 27 1.88 6.48 9.51
C GLY A 27 2.23 5.00 9.35
N SER A 28 1.51 4.30 8.51
CA SER A 28 1.80 2.85 8.31
C SER A 28 1.61 2.50 6.83
N CYS A 29 2.05 1.33 6.43
CA CYS A 29 1.90 0.95 4.98
C CYS A 29 0.86 -0.17 4.85
N VAL A 30 0.05 -0.11 3.82
CA VAL A 30 -0.95 -1.17 3.60
C VAL A 30 -1.20 -1.32 2.10
N SER A 31 -2.03 -2.27 1.74
CA SER A 31 -2.33 -2.49 0.31
C SER A 31 -3.58 -1.71 -0.09
N SER A 32 -3.40 -0.66 -0.86
CA SER A 32 -4.57 0.15 -1.30
C SER A 32 -5.28 -0.56 -2.44
N GLY A 33 -4.69 -0.58 -3.60
CA GLY A 33 -5.33 -1.27 -4.77
C GLY A 33 -6.67 -0.60 -5.10
N PRO A 34 -6.63 0.44 -5.90
CA PRO A 34 -7.86 1.21 -6.33
C PRO A 34 -8.46 0.61 -7.61
N GLY A 35 -8.46 -0.69 -7.73
CA GLY A 35 -9.03 -1.33 -8.96
C GLY A 35 -8.25 -0.87 -10.19
N LEU A 36 -7.27 -1.63 -10.61
CA LEU A 36 -6.48 -1.24 -11.81
C LEU A 36 -5.52 -2.38 -12.17
N VAL A 37 -5.53 -2.80 -13.41
CA VAL A 37 -4.63 -3.91 -13.83
C VAL A 37 -3.53 -3.35 -14.74
N GLY A 38 -2.71 -4.20 -15.31
CA GLY A 38 -1.62 -3.72 -16.20
C GLY A 38 -2.21 -3.26 -17.53
N GLY A 39 -1.40 -2.66 -18.37
CA GLY A 39 -1.90 -2.18 -19.69
C GLY A 39 -0.86 -2.47 -20.76
N ILE A 40 -1.23 -2.35 -22.02
CA ILE A 40 -0.26 -2.62 -23.13
C ILE A 40 0.16 -1.30 -23.78
N LEU A 41 -0.63 -0.27 -23.63
CA LEU A 41 -0.28 1.05 -24.24
C LEU A 41 0.87 1.69 -23.46
N GLY A 42 1.97 1.94 -24.11
CA GLY A 42 3.14 2.56 -23.42
C GLY A 42 4.38 1.67 -23.60
N GLY A 43 5.10 1.86 -24.67
CA GLY A 43 6.32 1.03 -24.91
C GLY A 43 7.24 1.75 -25.91
N ILE A 44 7.76 1.02 -26.87
CA ILE A 44 8.66 1.66 -27.88
C ILE A 44 7.84 2.50 -28.85
N LEU A 45 8.49 3.30 -29.66
CA LEU A 45 7.76 4.16 -30.64
C LEU A 45 6.84 5.11 -29.88
N LEU A 1 13.86 -7.40 -8.38
CA LEU A 1 13.52 -5.97 -8.53
C LEU A 1 13.47 -5.30 -7.15
N LEU A 2 13.97 -4.09 -7.05
CA LEU A 2 13.96 -3.37 -5.75
C LEU A 2 12.65 -2.61 -5.60
N ALA A 3 11.69 -3.16 -4.92
CA ALA A 3 10.39 -2.46 -4.73
C ALA A 3 9.99 -2.52 -3.25
N CYS A 4 10.85 -2.04 -2.39
CA CYS A 4 10.55 -2.05 -0.93
C CYS A 4 11.71 -1.40 -0.18
N LEU A 5 11.57 -0.14 0.14
CA LEU A 5 12.66 0.59 0.87
C LEU A 5 12.73 0.06 2.30
N PHE A 6 11.61 -0.32 2.86
CA PHE A 6 11.60 -0.82 4.26
C PHE A 6 10.53 -1.91 4.41
N GLY A 7 9.28 -1.50 4.50
CA GLY A 7 8.18 -2.50 4.65
C GLY A 7 8.04 -2.89 6.12
N ASN A 8 8.36 -1.98 7.02
CA ASN A 8 8.26 -2.29 8.48
C ASN A 8 6.86 -1.91 9.00
N GLY A 9 5.91 -1.65 8.12
CA GLY A 9 4.55 -1.29 8.56
C GLY A 9 4.47 0.19 8.97
N ARG A 10 5.58 0.91 8.93
CA ARG A 10 5.54 2.35 9.33
C ARG A 10 6.14 3.19 8.20
N CYS A 11 5.53 4.32 7.91
CA CYS A 11 6.04 5.20 6.81
C CYS A 11 5.70 6.66 7.08
N SER A 12 6.30 7.54 6.33
CA SER A 12 6.02 8.99 6.48
C SER A 12 5.19 9.45 5.27
N SER A 13 5.35 8.80 4.16
CA SER A 13 4.58 9.15 2.93
C SER A 13 4.33 7.87 2.14
N ASN A 14 3.67 7.97 1.01
CA ASN A 14 3.39 6.75 0.20
C ASN A 14 4.69 6.14 -0.32
N ARG A 15 5.64 6.97 -0.68
CA ARG A 15 6.94 6.46 -1.20
C ARG A 15 7.73 5.74 -0.10
N ASP A 16 7.32 5.83 1.13
CA ASP A 16 8.06 5.14 2.24
C ASP A 16 7.52 3.73 2.43
N CYS A 17 6.77 3.20 1.49
CA CYS A 17 6.23 1.82 1.64
C CYS A 17 6.83 0.89 0.59
N CYS A 18 6.31 -0.31 0.46
CA CYS A 18 6.88 -1.26 -0.55
C CYS A 18 5.82 -1.59 -1.61
N GLU A 19 6.14 -2.47 -2.53
CA GLU A 19 5.17 -2.84 -3.60
C GLU A 19 3.92 -3.48 -2.99
N LEU A 20 4.09 -4.44 -2.13
CA LEU A 20 2.91 -5.11 -1.48
C LEU A 20 2.01 -4.06 -0.81
N THR A 21 2.57 -2.93 -0.46
CA THR A 21 1.76 -1.86 0.20
C THR A 21 2.10 -0.52 -0.48
N PRO A 22 1.37 -0.17 -1.52
CA PRO A 22 1.60 1.09 -2.26
C PRO A 22 0.89 2.28 -1.59
N VAL A 23 0.36 2.09 -0.40
CA VAL A 23 -0.32 3.24 0.27
C VAL A 23 0.29 3.48 1.66
N CYS A 24 0.35 4.72 2.07
CA CYS A 24 0.92 5.07 3.40
C CYS A 24 -0.11 5.91 4.17
N LYS A 25 -0.86 5.29 5.03
CA LYS A 25 -1.89 6.04 5.82
C LYS A 25 -1.69 5.79 7.32
N ARG A 26 -1.96 6.79 8.13
CA ARG A 26 -1.80 6.64 9.61
C ARG A 26 -0.34 6.31 9.93
N GLY A 27 0.59 6.83 9.18
CA GLY A 27 2.03 6.56 9.43
C GLY A 27 2.30 5.06 9.29
N SER A 28 1.54 4.36 8.48
CA SER A 28 1.76 2.90 8.30
C SER A 28 1.57 2.54 6.83
N CYS A 29 2.00 1.36 6.44
CA CYS A 29 1.86 0.95 5.01
C CYS A 29 0.83 -0.17 4.88
N VAL A 30 0.04 -0.15 3.83
CA VAL A 30 -0.95 -1.23 3.62
C VAL A 30 -1.17 -1.40 2.11
N SER A 31 -1.89 -2.41 1.75
CA SER A 31 -2.16 -2.68 0.31
C SER A 31 -3.49 -2.06 -0.09
N SER A 32 -3.46 -1.03 -0.89
CA SER A 32 -4.73 -0.37 -1.32
C SER A 32 -4.85 -0.45 -2.85
N GLY A 33 -3.86 0.00 -3.56
CA GLY A 33 -3.91 -0.04 -5.05
C GLY A 33 -4.14 1.37 -5.60
N PRO A 34 -5.37 1.82 -5.59
CA PRO A 34 -5.76 3.18 -6.09
C PRO A 34 -5.61 4.22 -4.98
N GLY A 35 -6.18 5.39 -5.16
CA GLY A 35 -6.09 6.45 -4.11
C GLY A 35 -7.46 7.08 -3.89
N LEU A 36 -8.31 6.43 -3.14
CA LEU A 36 -9.67 6.99 -2.87
C LEU A 36 -10.14 6.56 -1.48
N VAL A 37 -9.79 7.31 -0.47
CA VAL A 37 -10.22 6.96 0.92
C VAL A 37 -11.20 8.01 1.43
N GLY A 38 -11.87 7.73 2.51
CA GLY A 38 -12.83 8.73 3.08
C GLY A 38 -14.19 8.58 2.39
N GLY A 39 -15.01 7.68 2.87
CA GLY A 39 -16.35 7.48 2.24
C GLY A 39 -16.89 6.10 2.63
N ILE A 40 -18.17 5.89 2.45
CA ILE A 40 -18.78 4.56 2.80
C ILE A 40 -19.15 3.83 1.52
N LEU A 41 -18.24 3.75 0.58
CA LEU A 41 -18.55 3.04 -0.71
C LEU A 41 -18.06 1.59 -0.62
N GLY A 42 -18.49 0.76 -1.53
CA GLY A 42 -18.05 -0.68 -1.51
C GLY A 42 -18.99 -1.50 -2.39
N GLY A 43 -19.28 -1.02 -3.57
CA GLY A 43 -20.18 -1.77 -4.50
C GLY A 43 -20.44 -0.94 -5.75
N ILE A 44 -21.68 -0.58 -5.99
CA ILE A 44 -22.02 0.24 -7.18
C ILE A 44 -21.31 1.59 -7.09
N LEU A 45 -20.95 2.16 -8.22
CA LEU A 45 -20.25 3.48 -8.21
C LEU A 45 -21.29 4.60 -8.41
#